data_4ISD
#
_entry.id   4ISD
#
_cell.length_a   56.004
_cell.length_b   196.343
_cell.length_c   275.360
_cell.angle_alpha   90.000
_cell.angle_beta   90.000
_cell.angle_gamma   90.000
#
_symmetry.space_group_name_H-M   'C 2 2 21'
#
loop_
_entity.id
_entity.type
_entity.pdbx_description
1 polymer 'Glutathione S-transferase'
2 non-polymer GLUTATHIONE
3 water water
#
_entity_poly.entity_id   1
_entity_poly.type   'polypeptide(L)'
_entity_poly.pdbx_seq_one_letter_code
;MVMSQKPITLYVGADYVSAFAMSAFVVLKEKGLDFEIRTVDLKSKQQHGSAYREVSLTRRVPTLQHDRFTLSESSAIAEY
LDEVYPAPHYAAVLPADRETRALARQLQAWIRSDFMPLKSERQADRIYFPEPVKPLGEAAQLACEKLLSAADRLIDDERY
GVFGDWCIADTDFALMLNRLVACGDPVPPKVLRYVERQWARPSVQQWVKQKRDAENLYFQ
;
_entity_poly.pdbx_strand_id   A,B,C,D,E
#
# COMPACT_ATOMS: atom_id res chain seq x y z
N SER A 4 -52.95 -25.05 -1.37
CA SER A 4 -52.56 -23.99 -2.30
C SER A 4 -51.27 -23.33 -1.86
N GLN A 5 -50.27 -23.33 -2.74
CA GLN A 5 -48.94 -22.78 -2.44
C GLN A 5 -49.01 -21.31 -2.04
N LYS A 6 -48.00 -20.86 -1.29
CA LYS A 6 -47.90 -19.45 -0.92
C LYS A 6 -47.76 -18.62 -2.19
N PRO A 7 -48.36 -17.43 -2.18
CA PRO A 7 -48.24 -16.49 -3.31
C PRO A 7 -46.78 -16.11 -3.56
N ILE A 8 -46.41 -15.91 -4.82
CA ILE A 8 -45.04 -15.61 -5.18
C ILE A 8 -45.01 -14.45 -6.18
N THR A 9 -44.12 -13.48 -5.96
CA THR A 9 -43.95 -12.37 -6.88
C THR A 9 -42.49 -12.23 -7.25
N LEU A 10 -42.23 -11.85 -8.49
CA LEU A 10 -40.86 -11.65 -8.94
C LEU A 10 -40.71 -10.23 -9.50
N TYR A 11 -39.69 -9.54 -9.01
CA TYR A 11 -39.37 -8.19 -9.44
C TYR A 11 -38.22 -8.31 -10.43
N VAL A 12 -38.40 -7.74 -11.61
CA VAL A 12 -37.38 -7.81 -12.65
C VAL A 12 -37.23 -6.41 -13.24
N GLY A 13 -36.18 -6.20 -14.03
CA GLY A 13 -36.03 -4.95 -14.76
C GLY A 13 -37.11 -4.88 -15.83
N ALA A 14 -37.64 -3.68 -16.08
CA ALA A 14 -38.74 -3.52 -17.02
C ALA A 14 -38.37 -3.93 -18.44
N ASP A 15 -37.07 -4.01 -18.71
CA ASP A 15 -36.57 -4.36 -20.05
C ASP A 15 -36.28 -5.84 -20.26
N TYR A 16 -36.45 -6.63 -19.21
CA TYR A 16 -36.23 -8.07 -19.28
C TYR A 16 -34.84 -8.44 -19.80
N VAL A 17 -33.89 -7.54 -19.58
CA VAL A 17 -32.54 -7.73 -20.07
C VAL A 17 -31.66 -8.51 -19.09
N SER A 18 -31.72 -8.17 -17.81
CA SER A 18 -30.89 -8.81 -16.78
C SER A 18 -30.68 -10.33 -16.92
N ALA A 19 -29.43 -10.75 -16.92
CA ALA A 19 -29.09 -12.17 -16.94
C ALA A 19 -29.49 -12.82 -15.62
N PHE A 20 -29.65 -12.01 -14.59
CA PHE A 20 -29.87 -12.53 -13.26
C PHE A 20 -31.35 -12.60 -12.94
N ALA A 21 -32.11 -11.68 -13.50
CA ALA A 21 -33.56 -11.75 -13.43
C ALA A 21 -33.98 -13.05 -14.10
N MET A 22 -33.42 -13.28 -15.27
CA MET A 22 -33.76 -14.47 -16.05
C MET A 22 -33.47 -15.74 -15.28
N SER A 23 -32.37 -15.72 -14.54
CA SER A 23 -31.97 -16.86 -13.74
C SER A 23 -33.02 -17.25 -12.69
N ALA A 24 -33.55 -16.26 -11.98
CA ALA A 24 -34.54 -16.53 -10.94
C ALA A 24 -35.85 -17.01 -11.57
N PHE A 25 -36.23 -16.34 -12.66
CA PHE A 25 -37.40 -16.72 -13.41
C PHE A 25 -37.27 -18.19 -13.83
N VAL A 26 -36.06 -18.60 -14.22
CA VAL A 26 -35.89 -19.97 -14.71
C VAL A 26 -36.07 -20.98 -13.59
N VAL A 27 -35.64 -20.61 -12.37
CA VAL A 27 -35.79 -21.50 -11.23
C VAL A 27 -37.27 -21.79 -10.95
N LEU A 28 -38.06 -20.73 -10.88
CA LEU A 28 -39.48 -20.84 -10.61
C LEU A 28 -40.14 -21.71 -11.67
N LYS A 29 -39.82 -21.44 -12.92
CA LYS A 29 -40.44 -22.17 -14.01
C LYS A 29 -40.07 -23.64 -14.02
N GLU A 30 -38.80 -23.96 -13.76
CA GLU A 30 -38.38 -25.37 -13.72
C GLU A 30 -39.19 -26.17 -12.71
N LYS A 31 -39.50 -25.54 -11.57
CA LYS A 31 -40.16 -26.21 -10.46
C LYS A 31 -41.67 -26.26 -10.64
N GLY A 32 -42.18 -25.53 -11.64
CA GLY A 32 -43.60 -25.51 -11.96
C GLY A 32 -44.45 -24.66 -11.01
N LEU A 33 -43.85 -23.64 -10.44
CA LEU A 33 -44.53 -22.78 -9.44
C LEU A 33 -45.32 -21.61 -10.08
N ASP A 34 -46.42 -21.22 -9.44
CA ASP A 34 -47.16 -20.04 -9.89
C ASP A 34 -46.48 -18.77 -9.33
N PHE A 35 -46.41 -17.72 -10.16
CA PHE A 35 -45.93 -16.40 -9.72
C PHE A 35 -46.38 -15.24 -10.60
N GLU A 36 -46.56 -14.09 -9.98
CA GLU A 36 -46.83 -12.84 -10.69
C GLU A 36 -45.49 -12.19 -10.99
N ILE A 37 -45.44 -11.41 -12.06
CA ILE A 37 -44.24 -10.63 -12.35
C ILE A 37 -44.55 -9.15 -12.26
N ARG A 38 -43.72 -8.45 -11.48
CA ARG A 38 -43.74 -6.99 -11.36
C ARG A 38 -42.41 -6.43 -11.83
N THR A 39 -42.44 -5.25 -12.43
CA THR A 39 -41.24 -4.71 -13.06
C THR A 39 -40.72 -3.44 -12.39
N VAL A 40 -39.42 -3.23 -12.51
CA VAL A 40 -38.77 -2.04 -11.98
C VAL A 40 -38.03 -1.32 -13.13
N ASP A 41 -38.29 -0.02 -13.30
CA ASP A 41 -37.70 0.78 -14.38
C ASP A 41 -36.24 1.18 -14.08
N LEU A 42 -35.57 1.77 -15.08
CA LEU A 42 -34.30 2.50 -14.91
C LEU A 42 -34.14 3.39 -16.16
N LYS A 43 -33.90 4.68 -15.97
CA LYS A 43 -33.72 5.29 -14.66
C LYS A 43 -35.06 5.69 -14.02
N SER A 44 -35.15 5.66 -12.69
CA SER A 44 -34.14 5.10 -11.79
C SER A 44 -34.85 4.47 -10.60
N LYS A 45 -35.96 3.78 -10.90
CA LYS A 45 -36.93 3.32 -9.91
C LYS A 45 -36.44 2.38 -8.79
N GLN A 46 -35.29 1.76 -8.94
CA GLN A 46 -34.77 0.91 -7.87
C GLN A 46 -34.38 1.72 -6.62
N GLN A 47 -34.78 3.00 -6.61
CA GLN A 47 -34.49 3.88 -5.49
C GLN A 47 -35.67 4.81 -5.15
N GLU A 54 -37.35 -0.72 0.24
CA GLU A 54 -38.77 -1.09 0.30
C GLU A 54 -39.07 -2.61 0.18
N VAL A 55 -38.80 -3.23 -0.97
CA VAL A 55 -38.93 -4.69 -1.02
C VAL A 55 -37.56 -5.30 -1.18
N SER A 56 -36.55 -4.45 -1.29
CA SER A 56 -35.21 -4.92 -1.62
C SER A 56 -34.10 -4.20 -0.89
N LEU A 57 -33.40 -4.93 -0.03
CA LEU A 57 -32.27 -4.39 0.71
C LEU A 57 -31.15 -3.88 -0.22
N THR A 58 -30.92 -4.57 -1.34
CA THR A 58 -29.79 -4.26 -2.21
C THR A 58 -30.11 -3.23 -3.30
N ARG A 59 -31.40 -3.01 -3.54
CA ARG A 59 -31.88 -2.15 -4.63
C ARG A 59 -31.40 -2.62 -6.00
N ARG A 60 -31.39 -3.93 -6.19
CA ARG A 60 -31.14 -4.50 -7.49
C ARG A 60 -32.23 -5.54 -7.83
N VAL A 61 -32.46 -5.76 -9.11
CA VAL A 61 -33.34 -6.83 -9.54
C VAL A 61 -32.42 -8.01 -9.86
N PRO A 62 -32.92 -9.25 -9.67
CA PRO A 62 -34.24 -9.64 -9.17
C PRO A 62 -34.42 -9.55 -7.65
N THR A 63 -35.67 -9.48 -7.23
CA THR A 63 -36.05 -9.67 -5.84
C THR A 63 -37.25 -10.61 -5.80
N LEU A 64 -37.25 -11.55 -4.87
CA LEU A 64 -38.36 -12.49 -4.73
C LEU A 64 -39.22 -12.16 -3.51
N GLN A 65 -40.53 -12.12 -3.69
CA GLN A 65 -41.44 -12.08 -2.57
C GLN A 65 -42.18 -13.40 -2.43
N HIS A 66 -41.86 -14.12 -1.36
CA HIS A 66 -42.46 -15.42 -1.08
C HIS A 66 -43.38 -15.29 0.12
N ASP A 67 -44.68 -15.27 -0.18
CA ASP A 67 -45.71 -15.01 0.81
C ASP A 67 -45.47 -13.63 1.44
N ARG A 68 -44.74 -13.58 2.55
CA ARG A 68 -44.44 -12.28 3.16
C ARG A 68 -42.96 -11.98 3.10
N PHE A 69 -42.17 -13.02 2.87
CA PHE A 69 -40.73 -12.95 2.90
C PHE A 69 -40.17 -12.36 1.62
N THR A 70 -39.28 -11.37 1.73
CA THR A 70 -38.65 -10.84 0.53
C THR A 70 -37.16 -11.12 0.51
N LEU A 71 -36.62 -11.33 -0.69
CA LEU A 71 -35.26 -11.84 -0.85
C LEU A 71 -34.67 -11.39 -2.18
N SER A 72 -33.51 -10.74 -2.13
CA SER A 72 -32.76 -10.38 -3.35
C SER A 72 -31.58 -11.32 -3.63
N GLU A 73 -30.79 -11.01 -4.65
CA GLU A 73 -29.66 -11.88 -5.08
C GLU A 73 -30.16 -13.22 -5.62
N SER A 74 -30.09 -13.36 -6.94
CA SER A 74 -30.65 -14.49 -7.68
C SER A 74 -30.14 -15.86 -7.23
N SER A 75 -28.85 -15.94 -6.90
CA SER A 75 -28.32 -17.21 -6.38
C SER A 75 -28.98 -17.56 -5.03
N ALA A 76 -29.11 -16.58 -4.14
CA ALA A 76 -29.76 -16.80 -2.85
C ALA A 76 -31.22 -17.21 -3.04
N ILE A 77 -31.86 -16.63 -4.05
CA ILE A 77 -33.19 -17.04 -4.45
C ILE A 77 -33.23 -18.52 -4.87
N ALA A 78 -32.29 -18.93 -5.73
CA ALA A 78 -32.23 -20.32 -6.16
C ALA A 78 -32.06 -21.30 -4.99
N GLU A 79 -31.19 -20.94 -4.05
CA GLU A 79 -30.90 -21.78 -2.88
C GLU A 79 -32.12 -21.91 -2.00
N TYR A 80 -32.88 -20.82 -1.93
CA TYR A 80 -34.03 -20.73 -1.04
C TYR A 80 -35.24 -21.46 -1.61
N LEU A 81 -35.50 -21.28 -2.91
CA LEU A 81 -36.60 -22.00 -3.56
C LEU A 81 -36.32 -23.50 -3.54
N ASP A 82 -35.04 -23.87 -3.65
CA ASP A 82 -34.64 -25.27 -3.57
C ASP A 82 -34.86 -25.88 -2.18
N GLU A 83 -34.92 -25.05 -1.14
CA GLU A 83 -35.11 -25.55 0.21
C GLU A 83 -36.58 -25.62 0.57
N VAL A 84 -37.34 -24.65 0.07
CA VAL A 84 -38.77 -24.56 0.33
C VAL A 84 -39.54 -25.54 -0.58
N TYR A 85 -39.07 -25.72 -1.80
CA TYR A 85 -39.70 -26.66 -2.72
C TYR A 85 -38.65 -27.63 -3.21
N PRO A 86 -38.33 -28.63 -2.38
CA PRO A 86 -37.23 -29.54 -2.71
C PRO A 86 -37.64 -30.77 -3.55
N ALA A 87 -36.66 -31.37 -4.22
CA ALA A 87 -36.74 -32.75 -4.71
C ALA A 87 -37.09 -33.64 -3.53
N PRO A 88 -37.84 -34.71 -3.76
CA PRO A 88 -38.45 -35.18 -5.02
C PRO A 88 -39.86 -34.66 -5.29
N HIS A 89 -40.39 -33.82 -4.39
CA HIS A 89 -41.72 -33.25 -4.54
C HIS A 89 -41.71 -32.24 -5.69
N TYR A 90 -40.54 -31.69 -5.96
CA TYR A 90 -40.34 -30.62 -6.94
C TYR A 90 -39.01 -30.84 -7.66
N ALA A 91 -38.90 -30.36 -8.90
CA ALA A 91 -37.62 -30.44 -9.61
C ALA A 91 -36.56 -29.61 -8.88
N ALA A 92 -35.37 -30.19 -8.70
CA ALA A 92 -34.25 -29.48 -8.10
C ALA A 92 -33.47 -28.66 -9.12
N VAL A 93 -33.08 -27.45 -8.73
CA VAL A 93 -32.28 -26.60 -9.59
C VAL A 93 -30.80 -26.67 -9.20
N LEU A 94 -30.52 -27.35 -8.10
CA LEU A 94 -29.15 -27.60 -7.66
C LEU A 94 -28.84 -29.10 -7.61
N PRO A 95 -27.61 -29.48 -8.00
CA PRO A 95 -27.17 -30.88 -7.97
C PRO A 95 -27.32 -31.54 -6.60
N ALA A 96 -27.67 -32.83 -6.61
CA ALA A 96 -27.89 -33.64 -5.41
C ALA A 96 -26.57 -34.04 -4.78
N ASP A 97 -25.57 -34.26 -5.61
CA ASP A 97 -24.26 -34.68 -5.13
C ASP A 97 -23.56 -33.53 -4.41
N ARG A 98 -23.13 -33.80 -3.18
CA ARG A 98 -22.55 -32.77 -2.33
C ARG A 98 -21.38 -32.03 -2.98
N GLU A 99 -20.40 -32.78 -3.48
CA GLU A 99 -19.29 -32.18 -4.23
C GLU A 99 -19.78 -31.43 -5.46
N THR A 100 -20.77 -31.99 -6.14
CA THR A 100 -21.23 -31.38 -7.38
C THR A 100 -22.04 -30.14 -7.05
N ARG A 101 -22.77 -30.17 -5.94
CA ARG A 101 -23.50 -29.00 -5.49
C ARG A 101 -22.51 -27.85 -5.21
N ALA A 102 -21.40 -28.17 -4.55
CA ALA A 102 -20.41 -27.15 -4.24
C ALA A 102 -19.82 -26.53 -5.52
N LEU A 103 -19.73 -27.33 -6.58
CA LEU A 103 -19.18 -26.83 -7.84
C LEU A 103 -20.16 -25.89 -8.57
N ALA A 104 -21.45 -26.17 -8.46
CA ALA A 104 -22.44 -25.30 -9.08
C ALA A 104 -22.48 -23.98 -8.31
N ARG A 105 -22.44 -24.07 -6.99
CA ARG A 105 -22.37 -22.89 -6.15
C ARG A 105 -21.14 -22.05 -6.49
N GLN A 106 -20.00 -22.72 -6.64
CA GLN A 106 -18.82 -22.05 -7.15
C GLN A 106 -19.03 -21.34 -8.49
N LEU A 107 -19.63 -22.03 -9.46
CA LEU A 107 -19.81 -21.44 -10.78
C LEU A 107 -20.71 -20.19 -10.73
N GLN A 108 -21.85 -20.30 -10.04
CA GLN A 108 -22.76 -19.17 -9.81
C GLN A 108 -22.07 -17.93 -9.22
N ALA A 109 -21.27 -18.14 -8.19
CA ALA A 109 -20.58 -17.03 -7.52
C ALA A 109 -19.51 -16.43 -8.43
N TRP A 110 -18.83 -17.30 -9.15
CA TRP A 110 -17.74 -16.85 -10.00
C TRP A 110 -18.33 -15.92 -11.05
N ILE A 111 -19.37 -16.42 -11.73
CA ILE A 111 -20.05 -15.65 -12.75
C ILE A 111 -20.47 -14.28 -12.22
N ARG A 112 -21.07 -14.28 -11.04
CA ARG A 112 -21.60 -13.06 -10.47
C ARG A 112 -20.54 -12.09 -9.92
N SER A 113 -19.28 -12.53 -9.81
CA SER A 113 -18.26 -11.68 -9.15
C SER A 113 -16.95 -11.50 -9.93
N ASP A 114 -16.90 -12.03 -11.15
CA ASP A 114 -15.73 -11.84 -11.99
C ASP A 114 -16.22 -11.35 -13.34
N PHE A 115 -15.30 -11.22 -14.30
CA PHE A 115 -15.65 -10.94 -15.70
C PHE A 115 -16.16 -9.53 -15.92
N MET A 116 -15.89 -8.65 -14.96
CA MET A 116 -16.31 -7.25 -15.06
C MET A 116 -15.84 -6.54 -16.35
N PRO A 117 -14.54 -6.66 -16.71
CA PRO A 117 -14.07 -6.06 -17.97
C PRO A 117 -14.92 -6.35 -19.22
N LEU A 118 -15.73 -7.42 -19.20
CA LEU A 118 -16.62 -7.74 -20.31
C LEU A 118 -17.99 -7.07 -20.16
N GLY A 137 -8.44 -4.42 -24.79
CA GLY A 137 -8.14 -4.34 -23.38
C GLY A 137 -7.16 -5.41 -22.94
N GLU A 138 -6.72 -5.36 -21.68
CA GLU A 138 -5.80 -6.35 -21.13
C GLU A 138 -6.44 -7.13 -19.97
N ALA A 139 -7.21 -6.43 -19.14
CA ALA A 139 -8.02 -7.08 -18.10
C ALA A 139 -9.19 -7.80 -18.75
N ALA A 140 -9.66 -7.23 -19.86
CA ALA A 140 -10.67 -7.88 -20.71
C ALA A 140 -10.08 -9.13 -21.34
N GLN A 141 -8.85 -9.01 -21.83
CA GLN A 141 -8.15 -10.14 -22.43
C GLN A 141 -8.05 -11.29 -21.44
N LEU A 142 -7.72 -10.97 -20.19
CA LEU A 142 -7.60 -11.98 -19.14
C LEU A 142 -8.94 -12.63 -18.80
N ALA A 143 -9.99 -11.82 -18.75
CA ALA A 143 -11.31 -12.34 -18.43
C ALA A 143 -11.84 -13.20 -19.59
N CYS A 144 -11.54 -12.76 -20.80
CA CYS A 144 -11.90 -13.51 -21.99
C CYS A 144 -11.24 -14.87 -21.94
N GLU A 145 -9.95 -14.86 -21.58
CA GLU A 145 -9.15 -16.08 -21.57
C GLU A 145 -9.68 -17.05 -20.50
N LYS A 146 -9.94 -16.50 -19.32
CA LYS A 146 -10.42 -17.31 -18.21
C LYS A 146 -11.78 -17.90 -18.56
N LEU A 147 -12.63 -17.11 -19.22
CA LEU A 147 -13.95 -17.58 -19.64
C LEU A 147 -13.84 -18.75 -20.63
N LEU A 148 -13.03 -18.56 -21.66
CA LEU A 148 -12.92 -19.60 -22.68
C LEU A 148 -12.32 -20.88 -22.13
N SER A 149 -11.35 -20.74 -21.24
CA SER A 149 -10.69 -21.89 -20.65
C SER A 149 -11.64 -22.67 -19.76
N ALA A 150 -12.48 -21.95 -19.01
CA ALA A 150 -13.50 -22.61 -18.19
C ALA A 150 -14.48 -23.38 -19.08
N ALA A 151 -14.92 -22.72 -20.15
CA ALA A 151 -15.87 -23.31 -21.08
C ALA A 151 -15.31 -24.59 -21.72
N ASP A 152 -14.05 -24.54 -22.12
CA ASP A 152 -13.42 -25.67 -22.77
C ASP A 152 -13.26 -26.84 -21.79
N ARG A 153 -13.02 -26.52 -20.53
CA ARG A 153 -12.81 -27.56 -19.51
C ARG A 153 -14.11 -28.22 -18.99
N LEU A 154 -15.20 -27.47 -18.92
CA LEU A 154 -16.42 -27.91 -18.26
C LEU A 154 -17.51 -28.40 -19.19
N ILE A 155 -17.47 -27.94 -20.45
CA ILE A 155 -18.46 -28.36 -21.43
C ILE A 155 -17.99 -29.55 -22.26
N ASP A 156 -18.81 -30.58 -22.33
CA ASP A 156 -18.51 -31.74 -23.18
C ASP A 156 -19.78 -32.15 -23.94
N ASP A 157 -19.63 -32.58 -25.19
CA ASP A 157 -20.81 -32.99 -25.97
C ASP A 157 -21.56 -34.18 -25.33
N GLU A 158 -20.85 -35.01 -24.57
CA GLU A 158 -21.50 -36.14 -23.88
C GLU A 158 -22.32 -35.75 -22.65
N ARG A 159 -22.23 -34.50 -22.20
CA ARG A 159 -23.00 -34.08 -21.02
C ARG A 159 -23.92 -32.90 -21.36
N TYR A 160 -25.18 -32.99 -20.95
CA TYR A 160 -26.13 -31.95 -21.31
C TYR A 160 -25.80 -30.64 -20.62
N GLY A 161 -25.61 -30.69 -19.30
CA GLY A 161 -25.14 -29.55 -18.53
C GLY A 161 -23.66 -29.76 -18.22
N VAL A 162 -23.03 -28.78 -17.59
CA VAL A 162 -21.62 -28.91 -17.21
C VAL A 162 -21.42 -30.05 -16.21
N PHE A 163 -22.44 -30.38 -15.45
CA PHE A 163 -22.31 -31.46 -14.48
C PHE A 163 -23.07 -32.72 -14.91
N GLY A 164 -23.73 -32.65 -16.05
CA GLY A 164 -24.55 -33.76 -16.54
C GLY A 164 -25.99 -33.28 -16.59
N ASP A 165 -26.78 -33.68 -15.60
CA ASP A 165 -28.13 -33.14 -15.46
C ASP A 165 -28.09 -31.62 -15.37
N TRP A 166 -29.10 -30.98 -15.95
CA TRP A 166 -29.21 -29.54 -15.89
C TRP A 166 -29.26 -29.05 -14.44
N CYS A 167 -28.60 -27.93 -14.16
CA CYS A 167 -28.85 -27.18 -12.94
C CYS A 167 -28.88 -25.70 -13.30
N ILE A 168 -29.32 -24.86 -12.37
CA ILE A 168 -29.45 -23.42 -12.63
C ILE A 168 -28.11 -22.79 -13.01
N ALA A 169 -27.00 -23.40 -12.59
CA ALA A 169 -25.66 -22.91 -12.94
C ALA A 169 -25.45 -22.87 -14.45
N ASP A 170 -26.08 -23.82 -15.16
CA ASP A 170 -25.96 -23.94 -16.63
C ASP A 170 -26.60 -22.78 -17.37
N THR A 171 -27.79 -22.36 -16.93
CA THR A 171 -28.42 -21.17 -17.50
C THR A 171 -27.49 -19.98 -17.31
N ASP A 172 -26.95 -19.85 -16.09
CA ASP A 172 -26.08 -18.75 -15.74
C ASP A 172 -24.84 -18.75 -16.60
N PHE A 173 -24.26 -19.94 -16.76
CA PHE A 173 -23.06 -20.11 -17.57
C PHE A 173 -23.34 -19.76 -19.03
N ALA A 174 -24.45 -20.27 -19.55
CA ALA A 174 -24.81 -20.08 -20.95
C ALA A 174 -25.00 -18.61 -21.25
N LEU A 175 -25.72 -17.91 -20.37
CA LEU A 175 -25.83 -16.45 -20.50
C LEU A 175 -24.47 -15.77 -20.55
N MET A 176 -23.59 -16.12 -19.60
CA MET A 176 -22.27 -15.49 -19.52
C MET A 176 -21.45 -15.80 -20.75
N LEU A 177 -21.51 -17.05 -21.24
CA LEU A 177 -20.74 -17.44 -22.41
C LEU A 177 -21.04 -16.62 -23.66
N ASN A 178 -22.15 -15.87 -23.65
CA ASN A 178 -22.47 -15.03 -24.81
C ASN A 178 -21.54 -13.83 -24.96
N ARG A 179 -20.65 -13.65 -23.99
CA ARG A 179 -19.68 -12.55 -24.02
C ARG A 179 -18.46 -12.95 -24.82
N LEU A 180 -18.38 -14.22 -25.18
CA LEU A 180 -17.26 -14.72 -25.96
C LEU A 180 -17.28 -14.08 -27.35
N VAL A 181 -18.47 -13.68 -27.77
CA VAL A 181 -18.66 -13.03 -29.06
C VAL A 181 -17.84 -11.73 -29.17
N ALA A 182 -17.56 -11.08 -28.05
CA ALA A 182 -16.82 -9.82 -28.05
C ALA A 182 -15.31 -10.00 -27.90
N CYS A 183 -14.88 -11.25 -27.72
CA CYS A 183 -13.47 -11.56 -27.54
C CYS A 183 -12.78 -11.77 -28.89
N GLY A 184 -11.56 -12.30 -28.85
CA GLY A 184 -10.77 -12.43 -30.05
C GLY A 184 -10.09 -13.77 -30.17
N ASP A 185 -10.60 -14.75 -29.42
CA ASP A 185 -10.13 -16.13 -29.57
C ASP A 185 -11.18 -16.99 -30.27
N PRO A 186 -10.73 -17.97 -31.07
CA PRO A 186 -11.75 -18.81 -31.69
C PRO A 186 -12.45 -19.69 -30.65
N VAL A 187 -13.77 -19.81 -30.81
CA VAL A 187 -14.61 -20.56 -29.87
C VAL A 187 -14.91 -21.98 -30.38
N PRO A 188 -14.56 -23.00 -29.58
CA PRO A 188 -14.90 -24.40 -29.87
C PRO A 188 -16.40 -24.60 -30.02
N PRO A 189 -16.83 -25.14 -31.18
CA PRO A 189 -18.26 -25.31 -31.47
C PRO A 189 -19.00 -26.06 -30.36
N LYS A 190 -18.33 -26.96 -29.65
CA LYS A 190 -18.94 -27.64 -28.50
C LYS A 190 -19.50 -26.67 -27.46
N VAL A 191 -18.96 -25.46 -27.36
CA VAL A 191 -19.56 -24.50 -26.43
C VAL A 191 -20.69 -23.72 -27.07
N LEU A 192 -20.59 -23.50 -28.38
CA LEU A 192 -21.70 -22.94 -29.14
C LEU A 192 -22.94 -23.82 -28.97
N ARG A 193 -22.73 -25.14 -29.04
CA ARG A 193 -23.83 -26.09 -28.93
C ARG A 193 -24.47 -26.04 -27.53
N TYR A 194 -23.61 -26.07 -26.52
CA TYR A 194 -24.02 -25.90 -25.14
C TYR A 194 -24.91 -24.67 -24.96
N VAL A 195 -24.42 -23.52 -25.39
CA VAL A 195 -25.20 -22.29 -25.30
C VAL A 195 -26.56 -22.45 -25.99
N GLU A 196 -26.56 -23.09 -27.15
CA GLU A 196 -27.78 -23.26 -27.94
C GLU A 196 -28.76 -24.17 -27.20
N ARG A 197 -28.23 -25.31 -26.75
CA ARG A 197 -28.92 -26.29 -25.92
C ARG A 197 -29.64 -25.59 -24.76
N GLN A 198 -28.87 -24.83 -23.99
CA GLN A 198 -29.35 -24.15 -22.78
C GLN A 198 -30.39 -23.06 -23.04
N TRP A 199 -30.24 -22.31 -24.14
CA TRP A 199 -31.26 -21.32 -24.54
C TRP A 199 -32.58 -21.95 -25.03
N ALA A 200 -32.56 -23.25 -25.32
CA ALA A 200 -33.72 -23.95 -25.88
C ALA A 200 -34.65 -24.58 -24.83
N ARG A 201 -34.27 -24.52 -23.56
CA ARG A 201 -35.14 -25.06 -22.51
C ARG A 201 -36.47 -24.31 -22.50
N PRO A 202 -37.58 -25.04 -22.34
CA PRO A 202 -38.86 -24.34 -22.27
C PRO A 202 -38.89 -23.24 -21.20
N SER A 203 -38.15 -23.40 -20.09
CA SER A 203 -38.16 -22.36 -19.04
C SER A 203 -37.54 -21.04 -19.50
N VAL A 204 -36.35 -21.10 -20.10
CA VAL A 204 -35.75 -19.92 -20.71
C VAL A 204 -36.65 -19.34 -21.81
N GLN A 205 -37.19 -20.20 -22.67
CA GLN A 205 -38.04 -19.75 -23.77
C GLN A 205 -39.26 -19.01 -23.25
N GLN A 206 -39.75 -19.45 -22.09
CA GLN A 206 -40.86 -18.78 -21.46
C GLN A 206 -40.46 -17.34 -21.18
N TRP A 207 -39.18 -17.16 -20.81
CA TRP A 207 -38.61 -15.84 -20.53
C TRP A 207 -38.53 -14.96 -21.77
N VAL A 208 -38.03 -15.49 -22.88
CA VAL A 208 -37.96 -14.68 -24.10
C VAL A 208 -39.36 -14.37 -24.63
N LYS A 209 -40.31 -15.23 -24.30
CA LYS A 209 -41.73 -15.02 -24.63
C LYS A 209 -42.37 -13.95 -23.75
N GLN A 210 -42.06 -13.96 -22.46
CA GLN A 210 -42.61 -12.95 -21.57
C GLN A 210 -42.01 -11.59 -21.91
N LYS A 211 -40.71 -11.59 -22.19
CA LYS A 211 -39.99 -10.40 -22.62
C LYS A 211 -40.61 -9.85 -23.90
N ARG A 212 -40.61 -10.67 -24.96
CA ARG A 212 -41.26 -10.34 -26.22
C ARG A 212 -42.58 -9.59 -26.04
N ASP A 213 -43.48 -10.13 -25.22
CA ASP A 213 -44.71 -9.42 -24.87
C ASP A 213 -44.38 -8.13 -24.11
N ALA A 214 -43.80 -7.17 -24.82
CA ALA A 214 -43.47 -5.84 -24.29
C ALA A 214 -42.91 -4.98 -25.43
N LYS B 6 8.72 25.85 -21.79
CA LYS B 6 9.65 26.84 -21.28
C LYS B 6 11.02 26.74 -21.97
N PRO B 7 11.78 27.84 -22.00
CA PRO B 7 13.09 27.79 -22.67
C PRO B 7 14.14 27.14 -21.80
N ILE B 8 15.05 26.40 -22.41
CA ILE B 8 16.13 25.75 -21.66
C ILE B 8 17.46 25.80 -22.39
N THR B 9 18.52 26.07 -21.63
CA THR B 9 19.87 26.09 -22.17
C THR B 9 20.64 24.92 -21.55
N LEU B 10 21.19 24.06 -22.39
CA LEU B 10 22.00 22.94 -21.88
C LEU B 10 23.50 23.20 -22.07
N TYR B 11 24.28 22.93 -21.03
CA TYR B 11 25.73 23.12 -21.05
C TYR B 11 26.41 21.77 -21.17
N VAL B 12 27.39 21.69 -22.06
CA VAL B 12 28.17 20.48 -22.27
C VAL B 12 29.62 20.90 -22.46
N GLY B 13 30.52 19.93 -22.46
CA GLY B 13 31.92 20.21 -22.77
C GLY B 13 32.04 20.64 -24.21
N ALA B 14 33.07 21.43 -24.52
CA ALA B 14 33.26 21.89 -25.90
C ALA B 14 33.60 20.73 -26.83
N ASP B 15 34.10 19.64 -26.27
CA ASP B 15 34.52 18.48 -27.05
C ASP B 15 33.40 17.46 -27.27
N TYR B 16 32.29 17.63 -26.53
CA TYR B 16 31.15 16.69 -26.61
C TYR B 16 31.58 15.28 -26.27
N VAL B 17 32.39 15.14 -25.23
CA VAL B 17 33.01 13.87 -24.92
C VAL B 17 32.49 13.25 -23.63
N SER B 18 31.92 14.08 -22.75
CA SER B 18 31.44 13.60 -21.45
C SER B 18 30.18 12.75 -21.55
N ALA B 19 30.22 11.59 -20.93
CA ALA B 19 29.08 10.66 -20.92
C ALA B 19 27.87 11.24 -20.20
N PHE B 20 28.12 12.17 -19.30
CA PHE B 20 27.06 12.69 -18.45
C PHE B 20 26.35 13.88 -19.09
N ALA B 21 27.10 14.68 -19.83
CA ALA B 21 26.53 15.70 -20.68
C ALA B 21 25.60 15.02 -21.65
N MET B 22 26.06 13.88 -22.18
CA MET B 22 25.27 13.09 -23.10
C MET B 22 24.00 12.55 -22.44
N SER B 23 24.09 12.28 -21.14
CA SER B 23 22.94 11.78 -20.42
C SER B 23 21.85 12.84 -20.38
N ALA B 24 22.21 14.04 -19.95
CA ALA B 24 21.29 15.17 -19.93
C ALA B 24 20.69 15.41 -21.32
N PHE B 25 21.55 15.41 -22.34
CA PHE B 25 21.15 15.61 -23.74
C PHE B 25 20.08 14.61 -24.17
N VAL B 26 20.33 13.33 -23.93
CA VAL B 26 19.37 12.27 -24.26
C VAL B 26 18.00 12.45 -23.60
N VAL B 27 18.00 12.69 -22.29
CA VAL B 27 16.77 12.97 -21.54
C VAL B 27 15.95 14.06 -22.24
N LEU B 28 16.62 15.16 -22.60
CA LEU B 28 15.97 16.28 -23.26
C LEU B 28 15.35 15.89 -24.61
N LYS B 29 16.06 15.10 -25.40
CA LYS B 29 15.55 14.70 -26.71
C LYS B 29 14.42 13.68 -26.59
N GLU B 30 14.62 12.66 -25.76
CA GLU B 30 13.64 11.60 -25.55
C GLU B 30 12.28 12.09 -25.05
N LYS B 31 12.25 13.27 -24.47
CA LYS B 31 10.99 13.87 -24.02
C LYS B 31 10.43 14.81 -25.08
N GLY B 32 11.20 15.03 -26.14
CA GLY B 32 10.76 15.86 -27.25
C GLY B 32 10.95 17.35 -27.01
N LEU B 33 11.71 17.70 -25.98
CA LEU B 33 11.90 19.11 -25.64
C LEU B 33 12.83 19.81 -26.62
N ASP B 34 12.72 21.12 -26.69
CA ASP B 34 13.61 21.94 -27.51
C ASP B 34 14.53 22.75 -26.59
N PHE B 35 15.75 23.01 -27.07
CA PHE B 35 16.77 23.67 -26.25
C PHE B 35 18.00 24.05 -27.07
N GLU B 36 18.66 25.12 -26.65
CA GLU B 36 19.89 25.57 -27.29
C GLU B 36 21.11 25.06 -26.53
N ILE B 37 22.20 24.81 -27.26
CA ILE B 37 23.45 24.34 -26.67
C ILE B 37 24.43 25.49 -26.48
N ARG B 38 25.16 25.45 -25.37
CA ARG B 38 26.23 26.40 -25.11
C ARG B 38 27.40 25.65 -24.47
N THR B 39 28.58 25.73 -25.08
CA THR B 39 29.72 24.94 -24.63
C THR B 39 30.52 25.59 -23.51
N VAL B 40 31.16 24.74 -22.71
CA VAL B 40 32.22 25.18 -21.80
C VAL B 40 33.50 24.49 -22.31
N ASP B 41 34.63 25.14 -22.10
CA ASP B 41 35.88 24.65 -22.66
C ASP B 41 36.97 24.37 -21.61
N LEU B 42 37.66 23.24 -21.78
CA LEU B 42 38.92 23.01 -21.06
C LEU B 42 40.04 22.91 -22.09
N LYS B 43 41.11 23.69 -21.92
CA LYS B 43 41.36 24.51 -20.73
C LYS B 43 40.86 25.97 -20.82
N SER B 44 40.24 26.50 -19.76
CA SER B 44 39.69 25.78 -18.59
C SER B 44 38.41 26.51 -18.25
N LYS B 45 37.55 26.75 -19.22
CA LYS B 45 36.48 27.76 -19.08
C LYS B 45 35.48 27.52 -17.95
N GLN B 46 35.56 26.39 -17.24
CA GLN B 46 34.61 26.14 -16.16
C GLN B 46 35.04 26.68 -14.77
N GLN B 47 36.01 27.60 -14.77
CA GLN B 47 36.46 28.27 -13.55
C GLN B 47 36.57 29.80 -13.65
N GLU B 54 30.00 30.54 -12.56
CA GLU B 54 29.01 31.29 -11.78
C GLU B 54 27.61 30.69 -11.89
N VAL B 55 27.22 30.36 -13.13
CA VAL B 55 25.92 29.75 -13.40
C VAL B 55 25.84 28.30 -12.92
N SER B 56 26.98 27.76 -12.49
CA SER B 56 27.06 26.40 -11.97
C SER B 56 27.80 26.38 -10.63
N LEU B 57 27.28 25.59 -9.69
CA LEU B 57 27.84 25.49 -8.35
C LEU B 57 28.92 24.42 -8.25
N THR B 58 28.87 23.44 -9.15
CA THR B 58 29.76 22.27 -9.11
C THR B 58 31.04 22.45 -9.93
N ARG B 59 31.01 23.42 -10.85
CA ARG B 59 32.11 23.64 -11.81
C ARG B 59 32.34 22.42 -12.71
N ARG B 60 31.25 21.76 -13.08
CA ARG B 60 31.28 20.63 -13.99
C ARG B 60 30.16 20.68 -15.01
N VAL B 61 30.35 19.98 -16.13
CA VAL B 61 29.30 19.77 -17.13
C VAL B 61 28.67 18.40 -16.89
N PRO B 62 27.39 18.23 -17.22
CA PRO B 62 26.47 19.21 -17.82
C PRO B 62 25.81 20.09 -16.77
N THR B 63 25.13 21.12 -17.26
CA THR B 63 24.37 22.00 -16.41
C THR B 63 23.15 22.50 -17.17
N LEU B 64 21.98 22.31 -16.58
CA LEU B 64 20.74 22.73 -17.20
C LEU B 64 20.34 24.13 -16.73
N GLN B 65 19.77 24.91 -17.65
CA GLN B 65 19.20 26.20 -17.29
C GLN B 65 17.75 26.23 -17.72
N HIS B 66 16.86 25.97 -16.77
CA HIS B 66 15.42 25.99 -17.05
C HIS B 66 14.81 27.28 -16.52
N ASP B 67 14.20 28.05 -17.42
CA ASP B 67 13.70 29.39 -17.08
C ASP B 67 14.81 30.19 -16.39
N ARG B 68 14.64 30.42 -15.08
CA ARG B 68 15.65 31.14 -14.31
C ARG B 68 16.38 30.20 -13.34
N PHE B 69 16.15 28.90 -13.52
CA PHE B 69 16.64 27.90 -12.58
C PHE B 69 17.85 27.17 -13.15
N THR B 70 18.95 27.14 -12.39
CA THR B 70 20.18 26.49 -12.86
C THR B 70 20.53 25.22 -12.07
N LEU B 71 20.80 24.13 -12.79
CA LEU B 71 21.01 22.82 -12.18
C LEU B 71 22.14 22.03 -12.86
N SER B 72 23.01 21.42 -12.05
CA SER B 72 24.04 20.52 -12.58
C SER B 72 23.75 19.08 -12.16
N GLU B 73 24.72 18.20 -12.36
CA GLU B 73 24.57 16.75 -12.10
C GLU B 73 23.51 16.09 -12.99
N SER B 74 23.96 15.25 -13.92
CA SER B 74 23.07 14.64 -14.92
C SER B 74 21.88 13.88 -14.33
N SER B 75 22.14 13.02 -13.35
CA SER B 75 21.07 12.23 -12.74
C SER B 75 20.03 13.14 -12.09
N ALA B 76 20.47 14.20 -11.43
CA ALA B 76 19.55 15.17 -10.86
C ALA B 76 18.73 15.86 -11.94
N ILE B 77 19.37 16.16 -13.06
CA ILE B 77 18.68 16.74 -14.20
C ILE B 77 17.57 15.84 -14.76
N ALA B 78 17.88 14.55 -14.91
CA ALA B 78 16.88 13.55 -15.30
C ALA B 78 15.69 13.61 -14.35
N GLU B 79 15.97 13.50 -13.06
CA GLU B 79 14.93 13.52 -12.04
C GLU B 79 14.08 14.78 -12.13
N TYR B 80 14.75 15.93 -12.21
CA TYR B 80 14.07 17.23 -12.26
C TYR B 80 13.15 17.36 -13.47
N LEU B 81 13.69 17.08 -14.66
CA LEU B 81 12.92 17.15 -15.89
C LEU B 81 11.70 16.23 -15.85
N ASP B 82 11.88 15.06 -15.26
CA ASP B 82 10.82 14.07 -15.18
C ASP B 82 9.61 14.59 -14.38
N GLU B 83 9.86 15.51 -13.46
CA GLU B 83 8.76 16.07 -12.66
C GLU B 83 8.08 17.24 -13.37
N VAL B 84 8.87 18.12 -13.97
CA VAL B 84 8.29 19.27 -14.69
C VAL B 84 7.57 18.84 -15.96
N TYR B 85 8.09 17.82 -16.64
CA TYR B 85 7.46 17.32 -17.86
C TYR B 85 7.14 15.83 -17.79
N PRO B 86 6.12 15.45 -17.01
CA PRO B 86 5.82 14.03 -16.80
C PRO B 86 4.78 13.45 -17.77
N ALA B 87 4.46 12.18 -17.53
CA ALA B 87 3.44 11.46 -18.28
C ALA B 87 2.06 12.07 -18.07
N PRO B 88 1.14 11.86 -19.03
CA PRO B 88 1.38 11.19 -20.31
C PRO B 88 1.84 12.19 -21.35
N HIS B 89 1.80 13.47 -21.00
CA HIS B 89 2.09 14.57 -21.91
C HIS B 89 3.46 14.44 -22.59
N TYR B 90 4.44 13.96 -21.82
CA TYR B 90 5.79 13.73 -22.31
C TYR B 90 6.22 12.30 -21.96
N ALA B 91 7.40 11.91 -22.41
CA ALA B 91 7.88 10.56 -22.12
C ALA B 91 8.69 10.52 -20.82
N ALA B 92 8.61 9.40 -20.13
CA ALA B 92 9.30 9.23 -18.86
C ALA B 92 10.69 8.63 -19.05
N VAL B 93 11.69 9.24 -18.43
CA VAL B 93 13.05 8.70 -18.51
C VAL B 93 13.35 7.81 -17.29
N LEU B 94 12.45 7.81 -16.32
CA LEU B 94 12.55 6.91 -15.18
C LEU B 94 11.37 5.95 -15.18
N PRO B 95 11.61 4.69 -14.76
CA PRO B 95 10.54 3.69 -14.65
C PRO B 95 9.33 4.27 -13.91
N ALA B 96 8.12 3.91 -14.34
CA ALA B 96 6.89 4.43 -13.76
C ALA B 96 6.54 3.66 -12.50
N ASP B 97 7.12 2.47 -12.38
CA ASP B 97 6.99 1.66 -11.18
C ASP B 97 7.79 2.34 -10.06
N ARG B 98 7.82 1.69 -8.91
CA ARG B 98 8.43 2.33 -7.78
C ARG B 98 9.64 1.56 -7.27
N GLU B 99 9.54 0.24 -7.21
CA GLU B 99 10.71 -0.56 -6.89
C GLU B 99 11.65 -0.45 -8.09
N THR B 100 11.06 -0.35 -9.27
CA THR B 100 11.87 -0.28 -10.47
C THR B 100 12.52 1.10 -10.61
N ARG B 101 11.78 2.17 -10.31
CA ARG B 101 12.39 3.51 -10.26
C ARG B 101 13.57 3.51 -9.29
N ALA B 102 13.45 2.77 -8.20
CA ALA B 102 14.53 2.68 -7.22
C ALA B 102 15.74 1.95 -7.80
N LEU B 103 15.49 0.84 -8.50
CA LEU B 103 16.57 0.11 -9.18
C LEU B 103 17.30 0.95 -10.24
N ALA B 104 16.54 1.75 -11.00
CA ALA B 104 17.16 2.65 -11.98
C ALA B 104 18.02 3.71 -11.28
N ARG B 105 17.53 4.23 -10.15
CA ARG B 105 18.27 5.22 -9.39
C ARG B 105 19.57 4.64 -8.87
N GLN B 106 19.50 3.40 -8.40
CA GLN B 106 20.68 2.67 -7.96
C GLN B 106 21.71 2.57 -9.08
N LEU B 107 21.23 2.15 -10.25
CA LEU B 107 22.09 1.99 -11.41
C LEU B 107 22.77 3.31 -11.82
N GLN B 108 22.01 4.41 -11.82
CA GLN B 108 22.58 5.70 -12.20
C GLN B 108 23.63 6.18 -11.19
N ALA B 109 23.38 5.91 -9.91
CA ALA B 109 24.28 6.34 -8.85
C ALA B 109 25.51 5.41 -8.78
N TRP B 110 25.31 4.13 -9.04
CA TRP B 110 26.44 3.21 -9.08
C TRP B 110 27.43 3.57 -10.20
N ILE B 111 26.91 3.81 -11.40
CA ILE B 111 27.76 4.15 -12.55
C ILE B 111 28.54 5.46 -12.33
N ARG B 112 27.95 6.38 -11.58
CA ARG B 112 28.57 7.69 -11.39
C ARG B 112 29.57 7.74 -10.24
N SER B 113 29.66 6.67 -9.46
CA SER B 113 30.47 6.73 -8.25
C SER B 113 31.36 5.51 -8.06
N ASP B 114 31.56 4.73 -9.11
CA ASP B 114 32.37 3.52 -9.00
C ASP B 114 33.15 3.33 -10.29
N PHE B 115 33.78 2.16 -10.45
CA PHE B 115 34.50 1.82 -11.69
C PHE B 115 35.63 2.79 -12.01
N MET B 116 36.11 3.49 -11.00
CA MET B 116 37.14 4.51 -11.19
C MET B 116 38.44 3.98 -11.82
N PRO B 117 38.93 2.80 -11.40
CA PRO B 117 40.10 2.24 -12.09
C PRO B 117 39.91 1.89 -13.57
N LEU B 118 38.68 1.97 -14.07
CA LEU B 118 38.41 1.70 -15.48
C LEU B 118 38.52 2.95 -16.35
N PRO B 135 49.43 -6.17 -17.58
CA PRO B 135 48.37 -6.80 -16.80
C PRO B 135 47.45 -5.78 -16.15
N LEU B 136 46.43 -6.25 -15.45
CA LEU B 136 45.48 -5.35 -14.79
C LEU B 136 45.67 -5.31 -13.28
N GLY B 137 45.62 -4.11 -12.72
CA GLY B 137 45.69 -3.95 -11.28
C GLY B 137 44.44 -4.52 -10.63
N GLU B 138 44.61 -5.09 -9.44
CA GLU B 138 43.52 -5.78 -8.74
C GLU B 138 42.26 -4.93 -8.64
N ALA B 139 42.44 -3.62 -8.48
CA ALA B 139 41.31 -2.74 -8.37
C ALA B 139 40.59 -2.68 -9.71
N ALA B 140 41.37 -2.61 -10.79
CA ALA B 140 40.79 -2.54 -12.13
C ALA B 140 40.11 -3.86 -12.46
N GLN B 141 40.82 -4.96 -12.19
CA GLN B 141 40.28 -6.32 -12.32
C GLN B 141 38.96 -6.46 -11.56
N LEU B 142 38.87 -5.86 -10.39
CA LEU B 142 37.67 -5.98 -9.59
C LEU B 142 36.51 -5.22 -10.22
N ALA B 143 36.81 -4.06 -10.79
CA ALA B 143 35.77 -3.23 -11.37
C ALA B 143 35.18 -3.96 -12.59
N CYS B 144 36.08 -4.50 -13.42
CA CYS B 144 35.72 -5.35 -14.54
C CYS B 144 34.73 -6.46 -14.14
N GLU B 145 35.09 -7.24 -13.11
CA GLU B 145 34.26 -8.35 -12.66
C GLU B 145 32.86 -7.88 -12.28
N LYS B 146 32.76 -6.85 -11.45
CA LYS B 146 31.46 -6.31 -11.05
C LYS B 146 30.70 -5.73 -12.24
N LEU B 147 31.41 -5.06 -13.13
CA LEU B 147 30.78 -4.50 -14.32
C LEU B 147 30.18 -5.62 -15.16
N LEU B 148 30.99 -6.61 -15.49
CA LEU B 148 30.53 -7.71 -16.33
C LEU B 148 29.49 -8.57 -15.61
N SER B 149 29.66 -8.77 -14.30
CA SER B 149 28.71 -9.55 -13.51
C SER B 149 27.33 -8.91 -13.51
N ALA B 150 27.31 -7.58 -13.44
CA ALA B 150 26.06 -6.82 -13.44
C ALA B 150 25.38 -6.90 -14.81
N ALA B 151 26.18 -6.85 -15.88
CA ALA B 151 25.65 -6.93 -17.24
C ALA B 151 24.94 -8.26 -17.49
N ASP B 152 25.46 -9.33 -16.90
CA ASP B 152 24.94 -10.68 -17.11
C ASP B 152 23.67 -10.93 -16.31
N ARG B 153 23.53 -10.21 -15.20
CA ARG B 153 22.39 -10.36 -14.31
C ARG B 153 21.23 -9.48 -14.77
N LEU B 154 21.56 -8.37 -15.43
CA LEU B 154 20.62 -7.29 -15.69
C LEU B 154 20.08 -7.23 -17.12
N ILE B 155 20.89 -7.67 -18.06
CA ILE B 155 20.54 -7.61 -19.48
C ILE B 155 19.93 -8.93 -19.97
N ASP B 156 18.86 -8.84 -20.74
CA ASP B 156 18.33 -10.03 -21.41
C ASP B 156 17.90 -9.70 -22.85
N ASP B 157 17.90 -10.70 -23.73
CA ASP B 157 17.49 -10.48 -25.11
C ASP B 157 16.01 -10.13 -25.22
N GLU B 158 15.21 -10.63 -24.27
CA GLU B 158 13.77 -10.44 -24.26
C GLU B 158 13.31 -9.03 -23.90
N ARG B 159 14.16 -8.28 -23.21
CA ARG B 159 13.78 -6.96 -22.77
C ARG B 159 14.63 -5.90 -23.48
N TYR B 160 13.98 -4.85 -24.00
CA TYR B 160 14.70 -3.78 -24.68
C TYR B 160 15.82 -3.25 -23.79
N GLY B 161 15.45 -2.75 -22.63
CA GLY B 161 16.43 -2.27 -21.66
C GLY B 161 16.52 -3.29 -20.55
N VAL B 162 17.12 -2.91 -19.43
CA VAL B 162 17.35 -3.83 -18.33
C VAL B 162 16.08 -4.06 -17.51
N PHE B 163 15.16 -3.10 -17.56
CA PHE B 163 13.93 -3.18 -16.75
C PHE B 163 12.69 -3.39 -17.62
N GLY B 164 12.92 -3.62 -18.91
CA GLY B 164 11.85 -3.65 -19.87
C GLY B 164 11.95 -2.43 -20.76
N ASP B 165 10.99 -1.53 -20.64
CA ASP B 165 11.02 -0.28 -21.40
C ASP B 165 12.28 0.52 -21.13
N TRP B 166 12.78 1.20 -22.16
CA TRP B 166 13.96 2.03 -22.01
C TRP B 166 13.79 3.01 -20.85
N CYS B 167 14.89 3.29 -20.16
CA CYS B 167 14.99 4.46 -19.30
C CYS B 167 16.42 4.98 -19.38
N ILE B 168 16.67 6.16 -18.81
CA ILE B 168 17.97 6.84 -18.93
C ILE B 168 19.15 6.01 -18.43
N ALA B 169 18.95 5.17 -17.40
CA ALA B 169 20.04 4.32 -16.92
C ALA B 169 20.53 3.32 -17.98
N ASP B 170 19.65 2.90 -18.89
CA ASP B 170 20.07 2.07 -20.00
C ASP B 170 21.14 2.77 -20.83
N THR B 171 20.90 4.03 -21.17
CA THR B 171 21.88 4.84 -21.89
C THR B 171 23.20 4.93 -21.11
N ASP B 172 23.09 5.28 -19.83
CA ASP B 172 24.26 5.39 -18.97
C ASP B 172 25.00 4.06 -18.84
N PHE B 173 24.25 2.97 -18.70
CA PHE B 173 24.85 1.65 -18.52
C PHE B 173 25.60 1.29 -19.78
N ALA B 174 24.98 1.57 -20.92
CA ALA B 174 25.57 1.24 -22.22
C ALA B 174 26.91 1.93 -22.37
N LEU B 175 26.95 3.20 -21.98
CA LEU B 175 28.22 3.95 -22.02
C LEU B 175 29.29 3.35 -21.12
N MET B 176 28.92 2.89 -19.93
CA MET B 176 29.89 2.31 -19.00
C MET B 176 30.39 0.95 -19.52
N LEU B 177 29.49 0.17 -20.11
CA LEU B 177 29.83 -1.17 -20.59
C LEU B 177 30.94 -1.14 -21.65
N ASN B 178 31.07 -0.01 -22.33
CA ASN B 178 32.12 0.14 -23.33
C ASN B 178 33.53 -0.04 -22.77
N ARG B 179 33.65 -0.15 -21.45
CA ARG B 179 34.95 -0.31 -20.80
C ARG B 179 35.32 -1.77 -20.64
N LEU B 180 34.34 -2.65 -20.87
CA LEU B 180 34.62 -4.08 -20.81
C LEU B 180 35.65 -4.50 -21.86
N VAL B 181 35.77 -3.70 -22.92
CA VAL B 181 36.77 -3.91 -23.95
C VAL B 181 38.20 -3.92 -23.39
N ALA B 182 38.41 -3.27 -22.24
CA ALA B 182 39.73 -3.20 -21.63
C ALA B 182 39.95 -4.35 -20.65
N CYS B 183 38.87 -5.01 -20.26
CA CYS B 183 38.93 -6.08 -19.27
C CYS B 183 39.55 -7.33 -19.87
N GLY B 184 39.32 -8.49 -19.24
CA GLY B 184 40.01 -9.69 -19.66
C GLY B 184 39.18 -10.94 -19.63
N ASP B 185 37.89 -10.81 -19.36
CA ASP B 185 36.99 -11.95 -19.39
C ASP B 185 36.06 -11.81 -20.59
N PRO B 186 35.74 -12.94 -21.25
CA PRO B 186 34.91 -12.89 -22.45
C PRO B 186 33.53 -12.31 -22.17
N VAL B 187 33.07 -11.45 -23.08
CA VAL B 187 31.78 -10.78 -22.96
C VAL B 187 30.66 -11.52 -23.70
N PRO B 188 29.59 -11.89 -22.98
CA PRO B 188 28.39 -12.49 -23.57
C PRO B 188 27.75 -11.55 -24.60
N PRO B 189 27.35 -12.08 -25.75
CA PRO B 189 26.85 -11.21 -26.82
C PRO B 189 25.45 -10.62 -26.58
N LYS B 190 24.68 -11.15 -25.64
CA LYS B 190 23.50 -10.40 -25.19
C LYS B 190 23.91 -8.99 -24.71
N VAL B 191 25.07 -8.89 -24.05
CA VAL B 191 25.63 -7.60 -23.62
C VAL B 191 26.02 -6.72 -24.83
N LEU B 192 26.67 -7.32 -25.82
CA LEU B 192 27.11 -6.59 -27.01
C LEU B 192 25.92 -6.19 -27.88
N ARG B 193 24.87 -7.01 -27.86
CA ARG B 193 23.65 -6.66 -28.57
C ARG B 193 22.99 -5.48 -27.88
N TYR B 194 22.89 -5.58 -26.55
CA TYR B 194 22.40 -4.50 -25.71
C TYR B 194 23.08 -3.16 -25.99
N VAL B 195 24.40 -3.13 -25.98
CA VAL B 195 25.10 -1.85 -26.19
C VAL B 195 24.79 -1.27 -27.57
N GLU B 196 24.84 -2.13 -28.58
CA GLU B 196 24.50 -1.73 -29.95
C GLU B 196 23.05 -1.26 -30.02
N ARG B 197 22.16 -2.06 -29.45
CA ARG B 197 20.75 -1.72 -29.27
C ARG B 197 20.61 -0.29 -28.71
N GLN B 198 21.27 -0.04 -27.57
CA GLN B 198 21.22 1.26 -26.87
C GLN B 198 21.86 2.42 -27.63
N TRP B 199 23.00 2.16 -28.27
CA TRP B 199 23.70 3.19 -29.05
C TRP B 199 22.94 3.60 -30.30
N ALA B 200 21.98 2.78 -30.71
CA ALA B 200 21.27 3.01 -31.96
C ALA B 200 20.05 3.89 -31.81
N ARG B 201 19.83 4.45 -30.61
CA ARG B 201 18.64 5.28 -30.40
C ARG B 201 18.75 6.61 -31.13
N PRO B 202 17.65 7.07 -31.74
CA PRO B 202 17.60 8.34 -32.46
C PRO B 202 18.12 9.53 -31.63
N SER B 203 17.93 9.48 -30.31
CA SER B 203 18.38 10.56 -29.44
C SER B 203 19.89 10.51 -29.26
N VAL B 204 20.42 9.30 -29.10
CA VAL B 204 21.85 9.08 -28.93
C VAL B 204 22.63 9.46 -30.20
N GLN B 205 22.08 9.13 -31.35
CA GLN B 205 22.73 9.46 -32.61
C GLN B 205 22.72 10.97 -32.85
N GLN B 206 21.68 11.65 -32.37
CA GLN B 206 21.63 13.10 -32.51
C GLN B 206 22.75 13.76 -31.72
N TRP B 207 23.11 13.18 -30.58
CA TRP B 207 24.27 13.66 -29.82
C TRP B 207 25.55 13.43 -30.60
N VAL B 208 25.66 12.27 -31.22
CA VAL B 208 26.79 11.96 -32.09
C VAL B 208 26.88 12.95 -33.26
N LYS B 209 25.74 13.22 -33.89
CA LYS B 209 25.67 14.23 -34.96
C LYS B 209 26.08 15.60 -34.45
N GLN B 210 25.57 15.95 -33.27
CA GLN B 210 25.89 17.22 -32.64
C GLN B 210 27.38 17.29 -32.28
N LYS B 211 28.02 16.12 -32.23
CA LYS B 211 29.46 16.04 -31.94
C LYS B 211 30.30 16.18 -33.22
N ARG B 212 29.88 15.50 -34.29
CA ARG B 212 30.60 15.52 -35.56
C ARG B 212 30.68 16.93 -36.13
N ASP B 213 29.56 17.65 -36.09
CA ASP B 213 29.53 19.03 -36.55
C ASP B 213 30.43 19.91 -35.67
N ALA B 214 31.74 19.74 -35.83
CA ALA B 214 32.72 20.51 -35.06
C ALA B 214 34.03 20.66 -35.84
N GLN C 5 4.14 -0.83 8.91
CA GLN C 5 5.48 -0.85 8.32
C GLN C 5 5.92 -2.28 8.03
N LYS C 6 6.67 -2.48 6.95
CA LYS C 6 7.22 -3.79 6.64
C LYS C 6 8.60 -3.93 7.29
N PRO C 7 9.10 -5.16 7.47
CA PRO C 7 10.43 -5.37 8.05
C PRO C 7 11.53 -4.70 7.24
N ILE C 8 12.47 -4.07 7.94
CA ILE C 8 13.56 -3.33 7.29
C ILE C 8 14.91 -3.73 7.87
N THR C 9 15.86 -4.01 6.99
CA THR C 9 17.18 -4.45 7.42
C THR C 9 18.27 -3.68 6.70
N LEU C 10 19.23 -3.13 7.46
CA LEU C 10 20.27 -2.30 6.87
C LEU C 10 21.64 -2.95 6.94
N TYR C 11 22.25 -3.13 5.78
CA TYR C 11 23.61 -3.65 5.73
C TYR C 11 24.57 -2.47 5.76
N VAL C 12 25.50 -2.49 6.72
CA VAL C 12 26.49 -1.44 6.82
C VAL C 12 27.88 -2.03 7.02
N GLY C 13 28.91 -1.17 6.92
CA GLY C 13 30.28 -1.58 7.17
C GLY C 13 30.40 -1.95 8.64
N ALA C 14 31.09 -3.06 8.92
CA ALA C 14 31.18 -3.56 10.29
C ALA C 14 31.91 -2.58 11.21
N ASP C 15 32.85 -1.81 10.64
CA ASP C 15 33.60 -0.83 11.43
C ASP C 15 32.83 0.49 11.62
N TYR C 16 31.65 0.60 11.00
CA TYR C 16 30.83 1.80 11.08
C TYR C 16 31.53 3.10 10.67
N VAL C 17 32.38 3.03 9.63
CA VAL C 17 33.15 4.20 9.22
C VAL C 17 32.63 4.83 7.94
N SER C 18 31.67 4.18 7.29
CA SER C 18 31.18 4.67 6.01
C SER C 18 30.26 5.89 6.17
N ALA C 19 30.58 6.97 5.44
CA ALA C 19 29.72 8.15 5.42
C ALA C 19 28.38 7.80 4.76
N PHE C 20 28.43 6.86 3.82
CA PHE C 20 27.24 6.53 3.07
C PHE C 20 26.34 5.53 3.79
N ALA C 21 26.94 4.60 4.53
CA ALA C 21 26.15 3.70 5.37
C ALA C 21 25.42 4.53 6.42
N MET C 22 26.16 5.44 7.07
CA MET C 22 25.60 6.37 8.04
C MET C 22 24.47 7.21 7.47
N SER C 23 24.59 7.54 6.19
CA SER C 23 23.55 8.32 5.50
C SER C 23 22.21 7.58 5.46
N ALA C 24 22.25 6.30 5.09
CA ALA C 24 21.03 5.48 5.04
C ALA C 24 20.48 5.23 6.43
N PHE C 25 21.40 5.10 7.38
CA PHE C 25 21.05 4.88 8.77
C PHE C 25 20.32 6.10 9.28
N VAL C 26 20.82 7.28 8.93
CA VAL C 26 20.16 8.52 9.32
C VAL C 26 18.78 8.66 8.68
N VAL C 27 18.65 8.34 7.39
CA VAL C 27 17.36 8.35 6.71
C VAL C 27 16.30 7.60 7.52
N LEU C 28 16.64 6.37 7.90
CA LEU C 28 15.73 5.50 8.64
C LEU C 28 15.37 6.08 10.02
N LYS C 29 16.38 6.57 10.73
CA LYS C 29 16.17 7.17 12.05
C LYS C 29 15.23 8.36 11.96
N GLU C 30 15.56 9.30 11.09
CA GLU C 30 14.78 10.52 10.89
C GLU C 30 13.31 10.29 10.53
N LYS C 31 13.01 9.20 9.82
CA LYS C 31 11.63 8.88 9.46
C LYS C 31 10.92 8.03 10.53
N GLY C 32 11.56 7.81 11.67
CA GLY C 32 11.00 7.01 12.73
C GLY C 32 10.66 5.58 12.34
N LEU C 33 11.44 5.00 11.43
CA LEU C 33 11.24 3.60 11.06
C LEU C 33 12.02 2.65 11.97
N ASP C 34 11.42 1.50 12.29
CA ASP C 34 12.16 0.43 12.95
C ASP C 34 12.96 -0.37 11.92
N PHE C 35 14.16 -0.82 12.31
CA PHE C 35 14.98 -1.65 11.44
C PHE C 35 16.03 -2.46 12.20
N GLU C 36 16.40 -3.61 11.64
CA GLU C 36 17.46 -4.45 12.20
C GLU C 36 18.77 -4.16 11.46
N ILE C 37 19.89 -4.59 12.04
CA ILE C 37 21.17 -4.33 11.41
C ILE C 37 22.02 -5.58 11.28
N ARG C 38 22.51 -5.79 10.05
CA ARG C 38 23.51 -6.82 9.76
C ARG C 38 24.74 -6.11 9.21
N THR C 39 25.92 -6.66 9.55
CA THR C 39 27.17 -6.01 9.18
C THR C 39 27.94 -6.83 8.16
N VAL C 40 28.84 -6.14 7.46
CA VAL C 40 29.65 -6.73 6.40
C VAL C 40 31.11 -6.39 6.64
N ASP C 41 31.99 -7.39 6.62
CA ASP C 41 33.38 -7.17 6.99
C ASP C 41 34.36 -7.03 5.82
N LEU C 42 35.44 -6.29 6.05
CA LEU C 42 36.57 -6.22 5.13
C LEU C 42 37.92 -6.33 5.86
N LYS C 43 38.60 -7.49 5.85
CA LYS C 43 38.25 -8.72 5.12
C LYS C 43 37.92 -8.52 3.64
N SER C 44 36.79 -9.06 3.21
CA SER C 44 36.20 -8.79 1.90
C SER C 44 34.86 -9.51 1.79
N LYS C 45 34.03 -9.41 2.82
CA LYS C 45 32.77 -10.14 2.86
C LYS C 45 31.74 -9.61 1.86
N GLN C 46 31.97 -8.41 1.35
CA GLN C 46 31.10 -7.82 0.33
C GLN C 46 31.24 -8.57 -1.00
N GLN C 47 32.24 -9.45 -1.06
CA GLN C 47 32.45 -10.34 -2.21
C GLN C 47 32.44 -11.82 -1.78
N GLU C 54 25.70 -11.35 -3.57
CA GLU C 54 24.78 -11.90 -2.57
C GLU C 54 23.44 -11.15 -2.57
N VAL C 55 23.30 -10.19 -1.66
CA VAL C 55 22.08 -9.38 -1.58
C VAL C 55 22.25 -8.03 -2.25
N SER C 56 23.47 -7.73 -2.68
CA SER C 56 23.79 -6.42 -3.24
C SER C 56 24.32 -6.57 -4.65
N LEU C 57 23.71 -5.87 -5.59
CA LEU C 57 24.23 -5.86 -6.97
C LEU C 57 25.59 -5.16 -7.01
N THR C 58 25.74 -4.11 -6.22
CA THR C 58 26.95 -3.28 -6.29
C THR C 58 28.10 -3.82 -5.42
N ARG C 59 27.80 -4.79 -4.58
CA ARG C 59 28.74 -5.29 -3.58
C ARG C 59 29.33 -4.16 -2.75
N ARG C 60 28.47 -3.23 -2.33
CA ARG C 60 28.92 -2.15 -1.45
C ARG C 60 27.88 -1.91 -0.35
N VAL C 61 28.31 -1.28 0.74
CA VAL C 61 27.39 -0.87 1.80
C VAL C 61 27.20 0.63 1.64
N PRO C 62 26.00 1.14 1.99
CA PRO C 62 24.87 0.39 2.54
C PRO C 62 24.05 -0.41 1.53
N THR C 63 23.29 -1.38 2.05
CA THR C 63 22.26 -2.07 1.30
C THR C 63 21.02 -2.17 2.19
N LEU C 64 19.85 -1.89 1.61
CA LEU C 64 18.61 -1.91 2.35
C LEU C 64 17.75 -3.10 1.94
N GLN C 65 17.12 -3.76 2.92
CA GLN C 65 16.19 -4.82 2.60
C GLN C 65 14.79 -4.51 3.12
N HIS C 66 13.98 -3.89 2.28
CA HIS C 66 12.61 -3.58 2.63
C HIS C 66 11.70 -4.70 2.20
N ASP C 67 11.34 -5.56 3.15
CA ASP C 67 10.52 -6.74 2.87
C ASP C 67 11.28 -7.70 1.93
N ARG C 68 10.79 -7.86 0.70
CA ARG C 68 11.49 -8.74 -0.24
C ARG C 68 12.53 -7.93 -1.00
N PHE C 69 12.19 -6.67 -1.27
CA PHE C 69 12.97 -5.78 -2.11
C PHE C 69 14.33 -5.40 -1.49
N THR C 70 15.40 -5.54 -2.26
CA THR C 70 16.71 -5.05 -1.81
C THR C 70 17.21 -3.90 -2.68
N LEU C 71 18.10 -3.09 -2.12
CA LEU C 71 18.49 -1.85 -2.77
C LEU C 71 19.80 -1.33 -2.21
N SER C 72 20.68 -0.86 -3.09
CA SER C 72 21.95 -0.26 -2.67
C SER C 72 22.02 1.18 -3.17
N GLU C 73 23.15 1.84 -2.89
CA GLU C 73 23.32 3.28 -3.12
C GLU C 73 22.46 4.15 -2.17
N SER C 74 23.11 4.78 -1.19
CA SER C 74 22.41 5.54 -0.13
C SER C 74 21.41 6.57 -0.63
N SER C 75 21.78 7.35 -1.63
CA SER C 75 20.88 8.29 -2.28
C SER C 75 19.58 7.61 -2.79
N ALA C 76 19.72 6.46 -3.46
CA ALA C 76 18.55 5.76 -3.98
C ALA C 76 17.70 5.16 -2.85
N ILE C 77 18.36 4.74 -1.78
CA ILE C 77 17.67 4.34 -0.55
C ILE C 77 16.85 5.49 0.06
N ALA C 78 17.46 6.67 0.16
CA ALA C 78 16.74 7.85 0.63
C ALA C 78 15.50 8.10 -0.24
N GLU C 79 15.72 8.17 -1.55
CA GLU C 79 14.66 8.46 -2.53
C GLU C 79 13.55 7.43 -2.46
N TYR C 80 13.93 6.18 -2.23
CA TYR C 80 12.98 5.08 -2.15
C TYR C 80 12.12 5.21 -0.90
N LEU C 81 12.77 5.41 0.25
CA LEU C 81 12.04 5.50 1.51
C LEU C 81 11.11 6.72 1.54
N ASP C 82 11.50 7.81 0.90
CA ASP C 82 10.63 8.98 0.79
C ASP C 82 9.35 8.68 0.00
N GLU C 83 9.41 7.65 -0.85
CA GLU C 83 8.24 7.27 -1.63
C GLU C 83 7.35 6.31 -0.87
N VAL C 84 7.97 5.29 -0.27
CA VAL C 84 7.24 4.28 0.49
C VAL C 84 6.66 4.86 1.79
N TYR C 85 7.40 5.77 2.41
CA TYR C 85 6.95 6.38 3.65
C TYR C 85 6.93 7.90 3.54
N PRO C 86 5.90 8.44 2.88
CA PRO C 86 5.84 9.85 2.48
C PRO C 86 5.24 10.76 3.54
N ALA C 87 5.58 12.04 3.44
CA ALA C 87 4.90 13.05 4.23
C ALA C 87 3.45 13.02 3.79
N PRO C 88 2.52 13.45 4.66
CA PRO C 88 2.73 13.97 6.01
C PRO C 88 2.72 12.91 7.12
N HIS C 89 2.77 11.64 6.76
CA HIS C 89 2.67 10.57 7.75
C HIS C 89 4.06 10.27 8.29
N TYR C 90 5.08 10.55 7.50
CA TYR C 90 6.43 10.36 7.97
C TYR C 90 7.18 11.67 7.76
N ALA C 91 8.33 11.81 8.40
CA ALA C 91 9.18 12.97 8.16
C ALA C 91 9.90 12.76 6.83
N ALA C 92 9.92 13.78 5.97
CA ALA C 92 10.59 13.66 4.69
C ALA C 92 12.07 13.96 4.84
N VAL C 93 12.91 13.30 4.03
CA VAL C 93 14.33 13.52 4.11
C VAL C 93 14.79 14.33 2.89
N LEU C 94 13.86 14.56 1.97
CA LEU C 94 14.10 15.39 0.79
C LEU C 94 13.14 16.57 0.78
N PRO C 95 13.62 17.75 0.35
CA PRO C 95 12.77 18.94 0.31
C PRO C 95 11.53 18.72 -0.53
N ALA C 96 10.46 19.46 -0.22
CA ALA C 96 9.17 19.28 -0.85
C ALA C 96 9.03 20.18 -2.07
N ASP C 97 9.66 21.35 -2.01
CA ASP C 97 9.66 22.27 -3.14
C ASP C 97 10.37 21.61 -4.31
N ARG C 98 9.80 21.75 -5.51
CA ARG C 98 10.29 21.04 -6.67
C ARG C 98 11.75 21.36 -7.03
N GLU C 99 12.09 22.63 -7.13
CA GLU C 99 13.45 22.97 -7.48
C GLU C 99 14.42 22.88 -6.28
N THR C 100 13.88 23.02 -5.07
CA THR C 100 14.68 22.81 -3.87
C THR C 100 15.12 21.35 -3.78
N ARG C 101 14.16 20.44 -4.00
CA ARG C 101 14.44 19.01 -4.06
C ARG C 101 15.52 18.68 -5.08
N ALA C 102 15.41 19.26 -6.28
CA ALA C 102 16.41 19.07 -7.34
C ALA C 102 17.81 19.43 -6.88
N LEU C 103 17.92 20.53 -6.14
CA LEU C 103 19.20 20.97 -5.61
C LEU C 103 19.77 19.97 -4.60
N ALA C 104 18.90 19.38 -3.79
CA ALA C 104 19.34 18.38 -2.80
C ALA C 104 19.83 17.08 -3.47
N ARG C 105 19.27 16.78 -4.63
CA ARG C 105 19.79 15.68 -5.43
C ARG C 105 21.17 16.02 -5.99
N GLN C 106 21.29 17.22 -6.55
CA GLN C 106 22.58 17.75 -7.00
C GLN C 106 23.68 17.67 -5.94
N LEU C 107 23.33 18.02 -4.71
CA LEU C 107 24.31 17.98 -3.61
C LEU C 107 24.67 16.54 -3.20
N GLN C 108 23.69 15.64 -3.18
CA GLN C 108 23.97 14.24 -2.87
C GLN C 108 24.87 13.63 -3.93
N ALA C 109 24.59 13.93 -5.18
CA ALA C 109 25.30 13.32 -6.29
C ALA C 109 26.72 13.85 -6.39
N TRP C 110 26.88 15.15 -6.18
CA TRP C 110 28.18 15.81 -6.26
C TRP C 110 29.14 15.21 -5.25
N ILE C 111 28.65 15.05 -4.02
CA ILE C 111 29.45 14.53 -2.91
C ILE C 111 29.91 13.09 -3.17
N ARG C 112 29.04 12.30 -3.80
CA ARG C 112 29.39 10.93 -4.14
C ARG C 112 30.23 10.82 -5.41
N SER C 113 30.25 11.87 -6.22
CA SER C 113 30.96 11.82 -7.52
C SER C 113 32.05 12.87 -7.71
N ASP C 114 32.54 13.48 -6.63
CA ASP C 114 33.62 14.45 -6.75
C ASP C 114 34.49 14.40 -5.50
N PHE C 115 35.41 15.35 -5.36
CA PHE C 115 36.25 15.51 -4.16
C PHE C 115 37.13 14.31 -3.83
N MET C 116 37.33 13.41 -4.80
CA MET C 116 38.19 12.24 -4.57
C MET C 116 39.63 12.57 -4.13
N PRO C 117 40.25 13.63 -4.70
CA PRO C 117 41.53 14.12 -4.19
C PRO C 117 41.63 14.32 -2.67
N LEU C 118 40.51 14.47 -1.97
CA LEU C 118 40.52 14.58 -0.52
C LEU C 118 40.11 13.24 0.12
N ALA C 140 44.43 18.82 -6.55
CA ALA C 140 43.81 18.42 -5.29
C ALA C 140 43.48 19.60 -4.38
N GLN C 141 44.08 20.75 -4.65
CA GLN C 141 43.79 21.98 -3.92
C GLN C 141 42.47 22.56 -4.40
N LEU C 142 42.14 22.32 -5.67
CA LEU C 142 40.91 22.81 -6.28
C LEU C 142 39.68 22.20 -5.61
N ALA C 143 39.84 20.98 -5.08
CA ALA C 143 38.78 20.30 -4.35
C ALA C 143 38.37 21.13 -3.14
N CYS C 144 39.36 21.71 -2.47
CA CYS C 144 39.12 22.61 -1.36
C CYS C 144 38.48 23.91 -1.85
N GLU C 145 38.95 24.41 -3.00
CA GLU C 145 38.43 25.64 -3.59
C GLU C 145 36.92 25.53 -3.84
N LYS C 146 36.50 24.38 -4.35
CA LYS C 146 35.09 24.15 -4.65
C LYS C 146 34.27 23.90 -3.39
N LEU C 147 34.82 23.13 -2.46
CA LEU C 147 34.13 22.77 -1.23
C LEU C 147 33.84 24.01 -0.37
N LEU C 148 34.86 24.83 -0.14
CA LEU C 148 34.69 26.06 0.62
C LEU C 148 33.75 27.05 -0.08
N SER C 149 33.93 27.22 -1.39
CA SER C 149 33.06 28.10 -2.18
C SER C 149 31.62 27.64 -2.13
N ALA C 150 31.41 26.33 -2.03
CA ALA C 150 30.08 25.77 -1.92
C ALA C 150 29.56 25.94 -0.51
N ALA C 151 30.45 25.74 0.47
CA ALA C 151 30.10 25.88 1.87
C ALA C 151 29.73 27.32 2.17
N ASP C 152 30.52 28.25 1.63
CA ASP C 152 30.29 29.67 1.84
C ASP C 152 29.00 30.16 1.18
N ARG C 153 28.64 29.59 0.03
CA ARG C 153 27.45 30.04 -0.70
C ARG C 153 26.14 29.45 -0.16
N LEU C 154 26.21 28.27 0.44
CA LEU C 154 25.00 27.54 0.84
C LEU C 154 24.62 27.65 2.31
N ILE C 155 25.62 27.75 3.19
CA ILE C 155 25.42 27.87 4.63
C ILE C 155 25.21 29.34 5.01
N ASP C 156 24.32 29.63 5.97
CA ASP C 156 23.96 31.02 6.25
C ASP C 156 23.46 31.35 7.68
N ASP C 157 24.01 30.70 8.70
CA ASP C 157 23.71 31.07 10.11
C ASP C 157 22.23 31.19 10.49
N GLU C 158 21.47 31.95 9.70
CA GLU C 158 20.02 32.10 9.88
C GLU C 158 19.22 30.96 9.26
N ARG C 159 19.91 29.92 8.81
CA ARG C 159 19.24 28.74 8.25
C ARG C 159 19.82 27.51 8.94
N TYR C 160 18.94 26.61 9.38
CA TYR C 160 19.41 25.42 10.05
C TYR C 160 20.19 24.54 9.08
N GLY C 161 19.52 24.07 8.03
CA GLY C 161 20.17 23.36 6.95
C GLY C 161 20.41 24.33 5.82
N VAL C 162 21.14 23.90 4.79
CA VAL C 162 21.49 24.79 3.68
C VAL C 162 20.29 25.35 2.91
N PHE C 163 19.23 24.55 2.79
CA PHE C 163 18.02 24.98 2.09
C PHE C 163 16.97 25.48 3.06
N GLY C 164 17.29 25.43 4.35
CA GLY C 164 16.38 25.86 5.39
C GLY C 164 16.09 24.73 6.36
N ASP C 165 14.96 24.05 6.15
CA ASP C 165 14.66 22.86 6.91
C ASP C 165 15.69 21.78 6.61
N TRP C 166 16.02 20.99 7.62
CA TRP C 166 16.97 19.89 7.45
C TRP C 166 16.51 18.97 6.31
N CYS C 167 17.45 18.54 5.46
CA CYS C 167 17.19 17.42 4.57
C CYS C 167 18.45 16.56 4.57
N ILE C 168 18.32 15.33 4.07
CA ILE C 168 19.39 14.32 4.12
C ILE C 168 20.71 14.80 3.49
N ALA C 169 20.63 15.76 2.58
CA ALA C 169 21.83 16.31 1.96
C ALA C 169 22.66 17.08 2.98
N ASP C 170 22.00 17.72 3.94
CA ASP C 170 22.71 18.43 5.00
C ASP C 170 23.61 17.47 5.77
N THR C 171 23.14 16.25 6.00
CA THR C 171 23.93 15.26 6.71
C THR C 171 25.15 14.89 5.86
N ASP C 172 24.91 14.57 4.60
CA ASP C 172 25.98 14.28 3.67
C ASP C 172 26.96 15.45 3.58
N PHE C 173 26.42 16.66 3.51
CA PHE C 173 27.28 17.82 3.31
C PHE C 173 28.17 18.10 4.52
N ALA C 174 27.61 17.89 5.71
CA ALA C 174 28.36 18.12 6.94
C ALA C 174 29.47 17.08 7.12
N LEU C 175 29.29 15.93 6.50
CA LEU C 175 30.31 14.88 6.50
C LEU C 175 31.42 15.16 5.50
N MET C 176 31.07 15.74 4.36
CA MET C 176 32.07 16.09 3.35
C MET C 176 32.89 17.30 3.80
N LEU C 177 32.26 18.18 4.58
CA LEU C 177 32.93 19.36 5.11
C LEU C 177 33.96 19.00 6.19
N ASN C 178 33.81 17.81 6.78
CA ASN C 178 34.79 17.30 7.74
C ASN C 178 36.17 17.18 7.12
N ARG C 179 36.19 16.94 5.81
CA ARG C 179 37.44 16.76 5.08
C ARG C 179 38.30 18.03 5.02
N LEU C 180 37.72 19.19 5.36
CA LEU C 180 38.46 20.45 5.32
C LEU C 180 39.68 20.53 6.26
N VAL C 181 40.00 19.41 6.91
CA VAL C 181 41.25 19.27 7.65
C VAL C 181 42.43 19.35 6.66
N ALA C 182 42.12 19.19 5.38
CA ALA C 182 43.11 19.29 4.30
C ALA C 182 42.87 20.54 3.45
N VAL C 187 38.83 27.66 7.97
CA VAL C 187 37.47 27.13 8.03
C VAL C 187 36.56 28.12 8.73
N PRO C 188 35.82 28.88 7.92
CA PRO C 188 35.00 30.02 8.31
C PRO C 188 34.18 29.76 9.58
N PRO C 189 33.74 30.84 10.29
CA PRO C 189 32.91 30.65 11.50
C PRO C 189 31.58 29.94 11.19
N LYS C 190 30.89 30.40 10.16
CA LYS C 190 29.56 29.91 9.89
C LYS C 190 29.55 28.42 9.49
N VAL C 191 30.48 28.04 8.62
CA VAL C 191 30.51 26.66 8.15
C VAL C 191 31.02 25.73 9.25
N LEU C 192 31.82 26.27 10.17
CA LEU C 192 32.28 25.50 11.32
C LEU C 192 31.07 25.12 12.21
N ARG C 193 30.25 26.10 12.55
CA ARG C 193 29.07 25.88 13.37
C ARG C 193 28.02 25.01 12.67
N TYR C 194 28.01 25.04 11.34
CA TYR C 194 27.10 24.22 10.54
C TYR C 194 27.35 22.72 10.72
N VAL C 195 28.62 22.32 10.79
CA VAL C 195 28.97 20.92 10.98
C VAL C 195 28.59 20.36 12.36
N GLU C 196 28.83 21.13 13.42
CA GLU C 196 28.46 20.68 14.76
C GLU C 196 26.95 20.54 14.86
N ARG C 197 26.24 21.48 14.25
CA ARG C 197 24.79 21.53 14.21
C ARG C 197 24.24 20.23 13.65
N GLN C 198 24.76 19.82 12.49
CA GLN C 198 24.33 18.61 11.79
C GLN C 198 24.86 17.34 12.47
N TRP C 199 25.89 17.49 13.30
CA TRP C 199 26.43 16.36 14.06
C TRP C 199 25.70 16.11 15.38
N ALA C 200 24.87 17.06 15.80
CA ALA C 200 24.22 17.01 17.11
C ALA C 200 22.82 16.42 17.03
N ARG C 201 22.41 16.03 15.83
CA ARG C 201 21.09 15.44 15.66
C ARG C 201 21.03 14.05 16.26
N PRO C 202 19.92 13.73 16.94
CA PRO C 202 19.83 12.42 17.59
C PRO C 202 19.97 11.27 16.61
N SER C 203 19.61 11.47 15.34
CA SER C 203 19.81 10.41 14.34
C SER C 203 21.29 10.12 14.16
N VAL C 204 22.05 11.17 13.87
CA VAL C 204 23.51 11.09 13.75
C VAL C 204 24.15 10.60 15.03
N GLN C 205 23.64 11.05 16.18
CA GLN C 205 24.23 10.69 17.45
C GLN C 205 23.98 9.22 17.80
N GLN C 206 22.84 8.69 17.38
CA GLN C 206 22.54 7.29 17.68
C GLN C 206 23.42 6.37 16.85
N TRP C 207 23.92 6.89 15.74
CA TRP C 207 24.91 6.20 14.91
C TRP C 207 26.30 6.20 15.57
N VAL C 208 26.71 7.37 16.06
CA VAL C 208 28.00 7.51 16.73
C VAL C 208 28.08 6.61 17.97
N LYS C 209 26.95 6.42 18.63
CA LYS C 209 26.87 5.55 19.79
C LYS C 209 26.86 4.07 19.39
N GLN C 210 26.17 3.74 18.29
CA GLN C 210 26.20 2.39 17.72
C GLN C 210 27.64 1.98 17.38
N LYS C 211 28.40 2.91 16.82
CA LYS C 211 29.81 2.69 16.51
C LYS C 211 30.63 2.43 17.77
N ARG C 212 30.42 3.26 18.80
CA ARG C 212 31.19 3.18 20.05
C ARG C 212 31.09 1.84 20.76
N ASP C 213 29.98 1.14 20.57
CA ASP C 213 29.83 -0.22 21.08
C ASP C 213 30.60 -1.21 20.21
N ALA C 214 31.88 -0.93 20.00
CA ALA C 214 32.79 -1.75 19.19
C ALA C 214 34.20 -1.16 19.24
N LYS D 6 -10.02 -35.20 7.59
CA LYS D 6 -9.51 -35.16 6.21
C LYS D 6 -8.58 -33.98 5.99
N PRO D 7 -7.45 -34.23 5.30
CA PRO D 7 -6.41 -33.20 5.13
C PRO D 7 -6.94 -32.00 4.37
N ILE D 8 -6.85 -30.83 5.01
CA ILE D 8 -7.34 -29.60 4.40
C ILE D 8 -6.17 -28.67 4.12
N THR D 9 -6.16 -28.06 2.95
CA THR D 9 -5.17 -27.03 2.63
C THR D 9 -5.90 -25.80 2.14
N LEU D 10 -5.62 -24.65 2.75
CA LEU D 10 -6.26 -23.41 2.34
C LEU D 10 -5.29 -22.55 1.54
N TYR D 11 -5.61 -22.35 0.27
CA TYR D 11 -4.76 -21.53 -0.58
C TYR D 11 -5.11 -20.07 -0.36
N VAL D 12 -4.11 -19.26 -0.12
CA VAL D 12 -4.33 -17.92 0.38
C VAL D 12 -3.38 -16.92 -0.30
N GLY D 13 -3.77 -15.64 -0.33
CA GLY D 13 -2.91 -14.60 -0.88
C GLY D 13 -1.65 -14.39 -0.04
N ALA D 14 -0.51 -14.28 -0.71
CA ALA D 14 0.80 -14.19 -0.06
C ALA D 14 0.89 -13.06 0.95
N ASP D 15 0.11 -12.00 0.72
CA ASP D 15 0.13 -10.82 1.57
C ASP D 15 -0.98 -10.82 2.63
N TYR D 16 -1.86 -11.81 2.60
CA TYR D 16 -2.94 -11.94 3.60
C TYR D 16 -3.88 -10.72 3.68
N VAL D 17 -4.38 -10.25 2.54
CA VAL D 17 -5.20 -9.05 2.56
C VAL D 17 -6.58 -9.23 1.95
N SER D 18 -6.83 -10.37 1.31
CA SER D 18 -8.15 -10.62 0.75
C SER D 18 -9.20 -10.81 1.84
N ALA D 19 -10.26 -10.02 1.79
CA ALA D 19 -11.38 -10.22 2.71
C ALA D 19 -12.01 -11.58 2.50
N PHE D 20 -11.93 -12.09 1.27
CA PHE D 20 -12.55 -13.38 0.96
C PHE D 20 -11.68 -14.56 1.36
N ALA D 21 -10.38 -14.34 1.42
CA ALA D 21 -9.49 -15.36 1.96
C ALA D 21 -9.66 -15.43 3.48
N MET D 22 -9.85 -14.28 4.11
CA MET D 22 -10.10 -14.24 5.55
C MET D 22 -11.38 -14.97 5.89
N SER D 23 -12.43 -14.67 5.15
CA SER D 23 -13.71 -15.38 5.25
C SER D 23 -13.52 -16.90 5.37
N ALA D 24 -12.90 -17.51 4.36
CA ALA D 24 -12.70 -18.96 4.32
C ALA D 24 -11.90 -19.43 5.52
N PHE D 25 -10.88 -18.63 5.89
CA PHE D 25 -10.00 -18.92 7.02
C PHE D 25 -10.81 -18.95 8.29
N VAL D 26 -11.68 -17.94 8.46
CA VAL D 26 -12.55 -17.86 9.62
C VAL D 26 -13.47 -19.08 9.72
N VAL D 27 -14.02 -19.52 8.58
CA VAL D 27 -14.92 -20.67 8.59
C VAL D 27 -14.22 -21.89 9.18
N LEU D 28 -13.04 -22.19 8.66
CA LEU D 28 -12.21 -23.29 9.14
C LEU D 28 -11.85 -23.14 10.62
N LYS D 29 -11.65 -21.90 11.07
CA LYS D 29 -11.28 -21.68 12.47
C LYS D 29 -12.49 -21.85 13.38
N GLU D 30 -13.60 -21.21 13.02
CA GLU D 30 -14.84 -21.30 13.80
C GLU D 30 -15.36 -22.73 13.90
N LYS D 31 -14.92 -23.60 12.99
CA LYS D 31 -15.34 -24.99 13.03
C LYS D 31 -14.38 -25.84 13.84
N GLY D 32 -13.14 -25.36 13.96
CA GLY D 32 -12.13 -26.05 14.74
C GLY D 32 -11.44 -27.12 13.94
N LEU D 33 -11.34 -26.87 12.63
CA LEU D 33 -10.75 -27.83 11.70
C LEU D 33 -9.26 -27.56 11.48
N ASP D 34 -8.49 -28.62 11.30
CA ASP D 34 -7.06 -28.47 11.03
C ASP D 34 -6.83 -28.22 9.55
N PHE D 35 -5.84 -27.38 9.23
CA PHE D 35 -5.47 -27.12 7.85
C PHE D 35 -4.12 -26.46 7.63
N GLU D 36 -3.44 -26.87 6.56
CA GLU D 36 -2.22 -26.22 6.13
C GLU D 36 -2.60 -24.95 5.33
N ILE D 37 -1.71 -23.97 5.33
CA ILE D 37 -1.89 -22.81 4.46
C ILE D 37 -0.81 -22.81 3.39
N ARG D 38 -1.21 -22.73 2.14
CA ARG D 38 -0.28 -22.51 1.06
C ARG D 38 -0.56 -21.10 0.54
N THR D 39 0.45 -20.43 0.03
CA THR D 39 0.28 -19.06 -0.43
C THR D 39 0.46 -18.93 -1.93
N VAL D 40 -0.30 -18.01 -2.53
CA VAL D 40 -0.20 -17.71 -3.93
C VAL D 40 0.29 -16.26 -4.09
N ASP D 41 1.53 -16.08 -4.49
CA ASP D 41 2.04 -14.74 -4.72
C ASP D 41 1.36 -14.11 -5.92
N LEU D 42 0.35 -13.29 -5.68
CA LEU D 42 -0.25 -12.49 -6.74
C LEU D 42 0.84 -11.55 -7.27
N LYS D 43 0.62 -11.02 -8.47
CA LYS D 43 1.72 -10.43 -9.26
C LYS D 43 2.86 -11.42 -9.55
N SER D 44 2.59 -12.51 -10.30
CA SER D 44 1.26 -12.90 -10.77
C SER D 44 1.07 -14.44 -10.83
N LYS D 45 1.44 -15.13 -9.75
CA LYS D 45 1.58 -16.59 -9.76
C LYS D 45 0.29 -17.42 -9.84
N GLN D 46 -0.86 -16.77 -9.76
CA GLN D 46 -2.14 -17.49 -9.82
C GLN D 46 -2.51 -17.92 -11.23
N GLN D 47 -1.60 -17.73 -12.19
CA GLN D 47 -1.86 -18.09 -13.60
C GLN D 47 -0.70 -18.86 -14.26
N SER D 56 -7.38 -24.77 -8.86
CA SER D 56 -8.35 -23.67 -8.94
C SER D 56 -8.84 -23.35 -10.36
N LEU D 57 -10.13 -23.56 -10.59
CA LEU D 57 -10.78 -23.24 -11.87
C LEU D 57 -10.76 -21.74 -12.19
N THR D 58 -11.04 -20.93 -11.19
CA THR D 58 -11.26 -19.50 -11.36
C THR D 58 -9.97 -18.70 -11.39
N ARG D 59 -8.88 -19.32 -10.94
CA ARG D 59 -7.58 -18.68 -10.86
C ARG D 59 -7.66 -17.45 -9.96
N ARG D 60 -8.30 -17.64 -8.81
CA ARG D 60 -8.38 -16.65 -7.74
C ARG D 60 -8.23 -17.34 -6.38
N VAL D 61 -7.82 -16.57 -5.38
CA VAL D 61 -7.80 -17.05 -3.99
C VAL D 61 -9.03 -16.52 -3.26
N PRO D 62 -9.55 -17.27 -2.27
CA PRO D 62 -9.00 -18.52 -1.73
C PRO D 62 -9.38 -19.73 -2.55
N THR D 63 -8.56 -20.77 -2.38
CA THR D 63 -8.91 -22.07 -2.90
C THR D 63 -8.79 -23.06 -1.76
N LEU D 64 -9.77 -23.96 -1.65
CA LEU D 64 -9.81 -24.93 -0.59
C LEU D 64 -9.45 -26.30 -1.14
N GLN D 65 -8.57 -27.01 -0.45
CA GLN D 65 -8.31 -28.41 -0.82
C GLN D 65 -8.77 -29.35 0.28
N HIS D 66 -9.84 -30.08 0.01
CA HIS D 66 -10.41 -31.03 0.96
C HIS D 66 -10.14 -32.44 0.46
N ASP D 67 -9.10 -33.06 1.01
CA ASP D 67 -8.57 -34.33 0.51
C ASP D 67 -8.19 -34.24 -0.97
N ARG D 68 -8.98 -34.86 -1.86
CA ARG D 68 -8.72 -34.76 -3.29
C ARG D 68 -9.57 -33.67 -3.94
N PHE D 69 -10.66 -33.29 -3.28
CA PHE D 69 -11.60 -32.30 -3.81
C PHE D 69 -11.09 -30.87 -3.64
N THR D 70 -11.18 -30.05 -4.70
CA THR D 70 -10.76 -28.65 -4.60
C THR D 70 -11.87 -27.69 -4.98
N LEU D 71 -11.85 -26.50 -4.37
CA LEU D 71 -12.98 -25.58 -4.47
C LEU D 71 -12.60 -24.12 -4.23
N SER D 72 -13.00 -23.25 -5.17
CA SER D 72 -12.77 -21.83 -5.03
C SER D 72 -14.09 -21.10 -4.75
N GLU D 73 -14.01 -19.79 -4.45
CA GLU D 73 -15.15 -18.96 -4.04
C GLU D 73 -15.53 -19.19 -2.56
N SER D 74 -15.08 -18.26 -1.69
CA SER D 74 -15.30 -18.37 -0.24
C SER D 74 -16.74 -18.65 0.16
N SER D 75 -17.69 -18.08 -0.57
CA SER D 75 -19.10 -18.35 -0.32
C SER D 75 -19.40 -19.84 -0.54
N ALA D 76 -18.97 -20.40 -1.67
CA ALA D 76 -19.15 -21.84 -1.91
C ALA D 76 -18.42 -22.67 -0.86
N ILE D 77 -17.28 -22.15 -0.40
CA ILE D 77 -16.43 -22.85 0.55
C ILE D 77 -17.13 -22.99 1.90
N ALA D 78 -17.70 -21.90 2.38
CA ALA D 78 -18.48 -21.94 3.62
C ALA D 78 -19.69 -22.88 3.46
N GLU D 79 -20.44 -22.72 2.39
CA GLU D 79 -21.56 -23.61 2.09
C GLU D 79 -21.20 -25.10 2.15
N TYR D 80 -20.04 -25.45 1.63
CA TYR D 80 -19.62 -26.84 1.53
C TYR D 80 -19.10 -27.42 2.84
N LEU D 81 -18.37 -26.61 3.61
CA LEU D 81 -17.83 -27.06 4.89
C LEU D 81 -18.94 -27.20 5.93
N ASP D 82 -19.98 -26.38 5.78
CA ASP D 82 -21.18 -26.47 6.63
C ASP D 82 -21.93 -27.79 6.41
N GLU D 83 -21.98 -28.26 5.16
CA GLU D 83 -22.63 -29.53 4.82
C GLU D 83 -21.82 -30.73 5.29
N VAL D 84 -20.51 -30.71 4.99
CA VAL D 84 -19.59 -31.79 5.37
C VAL D 84 -19.38 -31.88 6.88
N TYR D 85 -19.35 -30.72 7.53
CA TYR D 85 -19.21 -30.69 8.97
C TYR D 85 -20.36 -29.91 9.59
N PRO D 86 -21.53 -30.56 9.73
CA PRO D 86 -22.75 -29.92 10.23
C PRO D 86 -22.85 -29.92 11.74
N ALA D 87 -23.68 -29.01 12.27
CA ALA D 87 -24.12 -29.06 13.65
C ALA D 87 -24.90 -30.35 13.88
N PRO D 88 -24.96 -30.83 15.13
CA PRO D 88 -24.44 -30.25 16.36
C PRO D 88 -22.93 -30.42 16.56
N HIS D 89 -22.35 -31.51 16.07
CA HIS D 89 -20.94 -31.81 16.31
C HIS D 89 -19.96 -30.70 15.93
N TYR D 90 -20.37 -29.83 15.02
CA TYR D 90 -19.54 -28.70 14.62
C TYR D 90 -20.31 -27.40 14.69
N ALA D 91 -19.59 -26.30 14.84
CA ALA D 91 -20.21 -24.99 14.84
C ALA D 91 -20.70 -24.62 13.44
N ALA D 92 -21.97 -24.20 13.37
CA ALA D 92 -22.57 -23.77 12.11
C ALA D 92 -22.19 -22.32 11.76
N VAL D 93 -21.68 -22.13 10.55
CA VAL D 93 -21.29 -20.80 10.12
C VAL D 93 -22.42 -20.14 9.35
N LEU D 94 -23.49 -20.90 9.11
CA LEU D 94 -24.71 -20.37 8.48
C LEU D 94 -25.87 -20.59 9.43
N PRO D 95 -26.88 -19.70 9.38
CA PRO D 95 -28.02 -19.85 10.30
C PRO D 95 -28.76 -21.16 10.07
N ALA D 96 -29.49 -21.59 11.10
CA ALA D 96 -30.23 -22.85 11.08
C ALA D 96 -31.62 -22.64 10.50
N ASP D 97 -32.20 -21.46 10.75
CA ASP D 97 -33.52 -21.13 10.25
C ASP D 97 -33.45 -20.91 8.75
N ARG D 98 -34.41 -21.48 8.04
CA ARG D 98 -34.40 -21.51 6.60
C ARG D 98 -34.36 -20.12 5.96
N GLU D 99 -35.21 -19.20 6.39
CA GLU D 99 -35.19 -17.87 5.75
C GLU D 99 -34.11 -16.95 6.32
N THR D 100 -33.56 -17.30 7.47
CA THR D 100 -32.41 -16.55 7.95
C THR D 100 -31.18 -16.99 7.14
N ARG D 101 -31.10 -18.28 6.86
CA ARG D 101 -30.10 -18.83 5.93
C ARG D 101 -30.18 -18.12 4.56
N ALA D 102 -31.40 -17.85 4.09
CA ALA D 102 -31.56 -17.12 2.83
C ALA D 102 -30.92 -15.75 2.92
N LEU D 103 -31.24 -15.03 4.00
CA LEU D 103 -30.73 -13.67 4.21
C LEU D 103 -29.21 -13.57 4.35
N ALA D 104 -28.61 -14.53 5.03
CA ALA D 104 -27.14 -14.57 5.11
C ALA D 104 -26.55 -14.83 3.71
N ARG D 105 -27.25 -15.62 2.90
CA ARG D 105 -26.78 -15.88 1.53
C ARG D 105 -26.89 -14.61 0.69
N GLN D 106 -28.00 -13.91 0.82
CA GLN D 106 -28.15 -12.64 0.12
C GLN D 106 -27.00 -11.69 0.50
N LEU D 107 -26.74 -11.59 1.80
CA LEU D 107 -25.72 -10.67 2.30
C LEU D 107 -24.33 -11.02 1.78
N GLN D 108 -23.96 -12.30 1.83
CA GLN D 108 -22.73 -12.80 1.23
C GLN D 108 -22.61 -12.48 -0.27
N ALA D 109 -23.64 -12.81 -1.03
CA ALA D 109 -23.59 -12.58 -2.46
C ALA D 109 -23.64 -11.08 -2.81
N TRP D 110 -24.34 -10.30 -1.99
CA TRP D 110 -24.40 -8.86 -2.25
C TRP D 110 -23.02 -8.29 -2.11
N ILE D 111 -22.37 -8.61 -1.00
CA ILE D 111 -21.07 -8.05 -0.64
C ILE D 111 -20.04 -8.38 -1.71
N ARG D 112 -20.19 -9.58 -2.31
CA ARG D 112 -19.21 -10.10 -3.27
C ARG D 112 -19.39 -9.58 -4.69
N SER D 113 -20.53 -8.94 -4.96
CA SER D 113 -20.88 -8.56 -6.32
C SER D 113 -21.45 -7.14 -6.42
N ASP D 114 -21.28 -6.34 -5.37
CA ASP D 114 -21.69 -4.94 -5.48
C ASP D 114 -20.63 -4.04 -4.84
N PHE D 115 -20.95 -2.76 -4.64
CA PHE D 115 -20.02 -1.81 -3.99
C PHE D 115 -18.69 -1.65 -4.71
N MET D 116 -18.70 -1.89 -6.02
CA MET D 116 -17.48 -1.83 -6.82
C MET D 116 -16.79 -0.45 -6.84
N PRO D 117 -17.56 0.65 -6.85
CA PRO D 117 -16.89 1.96 -6.74
C PRO D 117 -16.07 2.22 -5.46
N LEU D 118 -16.12 1.33 -4.47
CA LEU D 118 -15.39 1.56 -3.22
C LEU D 118 -14.12 0.70 -3.09
N GLY D 137 -18.01 11.33 -6.00
CA GLY D 137 -18.31 10.48 -7.14
C GLY D 137 -19.71 9.88 -7.10
N GLU D 138 -20.49 10.10 -8.16
CA GLU D 138 -21.89 9.67 -8.21
C GLU D 138 -22.08 8.18 -7.91
N ALA D 139 -21.32 7.34 -8.59
CA ALA D 139 -21.38 5.90 -8.35
C ALA D 139 -20.90 5.54 -6.93
N ALA D 140 -19.79 6.13 -6.51
CA ALA D 140 -19.23 5.84 -5.19
C ALA D 140 -20.20 6.28 -4.10
N GLN D 141 -20.70 7.50 -4.23
CA GLN D 141 -21.68 8.04 -3.30
C GLN D 141 -22.91 7.12 -3.15
N LEU D 142 -23.28 6.46 -4.24
CA LEU D 142 -24.44 5.57 -4.22
C LEU D 142 -24.17 4.27 -3.48
N ALA D 143 -22.98 3.71 -3.67
CA ALA D 143 -22.59 2.49 -2.95
C ALA D 143 -22.60 2.76 -1.45
N CYS D 144 -21.91 3.84 -1.08
CA CYS D 144 -21.89 4.31 0.30
C CYS D 144 -23.29 4.37 0.88
N GLU D 145 -24.18 4.99 0.12
CA GLU D 145 -25.54 5.23 0.60
C GLU D 145 -26.30 3.92 0.80
N LYS D 146 -25.94 2.90 0.03
CA LYS D 146 -26.58 1.58 0.15
C LYS D 146 -25.98 0.80 1.30
N LEU D 147 -24.65 0.89 1.41
CA LEU D 147 -23.93 0.23 2.50
C LEU D 147 -24.32 0.83 3.86
N LEU D 148 -24.34 2.16 3.94
CA LEU D 148 -24.76 2.79 5.16
C LEU D 148 -26.20 2.38 5.47
N SER D 149 -27.07 2.47 4.47
CA SER D 149 -28.49 2.23 4.73
C SER D 149 -28.69 0.83 5.25
N ALA D 150 -27.92 -0.12 4.73
CA ALA D 150 -28.02 -1.52 5.15
C ALA D 150 -27.49 -1.72 6.58
N ALA D 151 -26.32 -1.14 6.86
CA ALA D 151 -25.75 -1.15 8.21
C ALA D 151 -26.80 -0.66 9.22
N ASP D 152 -27.43 0.46 8.91
CA ASP D 152 -28.38 1.05 9.82
C ASP D 152 -29.58 0.12 10.03
N ARG D 153 -30.01 -0.60 8.99
CA ARG D 153 -31.22 -1.44 9.13
C ARG D 153 -30.96 -2.88 9.62
N LEU D 154 -29.72 -3.35 9.56
CA LEU D 154 -29.43 -4.74 9.85
C LEU D 154 -28.78 -4.92 11.20
N ILE D 155 -28.06 -3.89 11.62
CA ILE D 155 -27.32 -3.92 12.87
C ILE D 155 -28.16 -3.33 14.01
N ASP D 156 -28.06 -3.96 15.17
CA ASP D 156 -28.73 -3.46 16.36
C ASP D 156 -27.98 -3.92 17.58
N ASP D 157 -27.88 -3.04 18.57
CA ASP D 157 -27.08 -3.32 19.76
C ASP D 157 -27.52 -4.57 20.53
N GLU D 158 -28.80 -4.91 20.43
CA GLU D 158 -29.36 -6.08 21.10
C GLU D 158 -28.92 -7.43 20.52
N ARG D 159 -28.30 -7.39 19.34
CA ARG D 159 -27.95 -8.61 18.63
C ARG D 159 -26.46 -8.69 18.36
N TYR D 160 -25.84 -9.82 18.64
CA TYR D 160 -24.40 -9.94 18.39
C TYR D 160 -24.06 -9.83 16.91
N GLY D 161 -24.77 -10.58 16.07
CA GLY D 161 -24.63 -10.46 14.64
C GLY D 161 -25.89 -9.78 14.14
N VAL D 162 -25.99 -9.59 12.83
CA VAL D 162 -27.19 -9.03 12.25
C VAL D 162 -28.40 -9.96 12.38
N PHE D 163 -28.17 -11.28 12.51
CA PHE D 163 -29.29 -12.22 12.57
C PHE D 163 -29.34 -12.95 13.91
N GLY D 164 -28.84 -12.32 14.97
CA GLY D 164 -28.75 -13.00 16.25
C GLY D 164 -27.36 -13.58 16.45
N ASP D 165 -27.25 -14.90 16.44
CA ASP D 165 -25.94 -15.52 16.56
C ASP D 165 -25.08 -15.18 15.36
N TRP D 166 -23.78 -14.97 15.62
CA TRP D 166 -22.80 -14.88 14.57
C TRP D 166 -23.04 -15.94 13.48
N CYS D 167 -22.96 -15.51 12.23
CA CYS D 167 -22.82 -16.40 11.09
C CYS D 167 -21.70 -15.80 10.22
N ILE D 168 -21.18 -16.56 9.25
CA ILE D 168 -20.05 -16.12 8.44
C ILE D 168 -20.32 -14.79 7.69
N ALA D 169 -21.59 -14.48 7.45
CA ALA D 169 -21.95 -13.22 6.82
C ALA D 169 -21.61 -12.01 7.68
N ASP D 170 -21.62 -12.17 9.00
CA ASP D 170 -21.29 -11.07 9.90
C ASP D 170 -19.85 -10.64 9.70
N THR D 171 -18.93 -11.60 9.63
CA THR D 171 -17.54 -11.31 9.36
C THR D 171 -17.36 -10.63 8.00
N ASP D 172 -18.12 -11.07 7.00
CA ASP D 172 -18.03 -10.45 5.67
C ASP D 172 -18.55 -9.02 5.71
N PHE D 173 -19.61 -8.81 6.48
CA PHE D 173 -20.28 -7.51 6.48
C PHE D 173 -19.38 -6.48 7.19
N ALA D 174 -18.84 -6.87 8.35
CA ALA D 174 -17.91 -6.05 9.10
C ALA D 174 -16.77 -5.58 8.20
N LEU D 175 -16.09 -6.53 7.57
CA LEU D 175 -15.00 -6.20 6.65
C LEU D 175 -15.42 -5.18 5.62
N MET D 176 -16.60 -5.35 5.04
CA MET D 176 -17.10 -4.43 4.01
C MET D 176 -17.39 -3.06 4.59
N LEU D 177 -17.87 -3.03 5.84
CA LEU D 177 -18.27 -1.79 6.48
C LEU D 177 -17.09 -0.86 6.76
N ASN D 178 -15.88 -1.41 6.81
CA ASN D 178 -14.70 -0.56 6.97
C ASN D 178 -14.55 0.51 5.90
N ARG D 179 -15.23 0.32 4.75
CA ARG D 179 -15.22 1.31 3.68
C ARG D 179 -16.11 2.54 3.96
N LEU D 180 -16.90 2.50 5.03
CA LEU D 180 -17.69 3.66 5.39
C LEU D 180 -16.75 4.82 5.75
N VAL D 181 -15.54 4.49 6.17
CA VAL D 181 -14.56 5.50 6.56
C VAL D 181 -14.23 6.43 5.40
N ALA D 182 -14.37 5.93 4.18
CA ALA D 182 -14.07 6.72 2.98
C ALA D 182 -15.28 7.45 2.42
N CYS D 183 -16.46 7.16 2.97
CA CYS D 183 -17.67 7.83 2.52
C CYS D 183 -17.84 9.19 3.21
N GLY D 184 -19.04 9.77 3.10
CA GLY D 184 -19.23 11.15 3.48
C GLY D 184 -20.35 11.41 4.45
N ASP D 185 -21.14 10.39 4.74
CA ASP D 185 -22.26 10.53 5.67
C ASP D 185 -22.03 9.92 7.07
N PRO D 186 -22.53 10.61 8.10
CA PRO D 186 -22.31 10.20 9.49
C PRO D 186 -22.75 8.76 9.76
N VAL D 187 -21.82 8.00 10.36
CA VAL D 187 -22.03 6.60 10.68
C VAL D 187 -22.52 6.44 12.12
N PRO D 188 -23.69 5.81 12.32
CA PRO D 188 -24.20 5.54 13.68
C PRO D 188 -23.24 4.69 14.50
N PRO D 189 -23.00 5.07 15.76
CA PRO D 189 -22.17 4.29 16.69
C PRO D 189 -22.54 2.80 16.78
N LYS D 190 -23.82 2.45 16.74
CA LYS D 190 -24.16 1.02 16.70
C LYS D 190 -23.41 0.26 15.59
N VAL D 191 -23.19 0.90 14.45
CA VAL D 191 -22.43 0.28 13.36
C VAL D 191 -20.96 0.12 13.76
N LEU D 192 -20.38 1.17 14.35
CA LEU D 192 -18.99 1.11 14.79
C LEU D 192 -18.77 -0.01 15.82
N ARG D 193 -19.75 -0.21 16.69
CA ARG D 193 -19.64 -1.23 17.73
C ARG D 193 -19.66 -2.61 17.10
N TYR D 194 -20.57 -2.81 16.16
CA TYR D 194 -20.67 -4.06 15.40
C TYR D 194 -19.35 -4.43 14.72
N VAL D 195 -18.75 -3.46 14.03
CA VAL D 195 -17.49 -3.71 13.36
C VAL D 195 -16.39 -4.08 14.35
N GLU D 196 -16.44 -3.47 15.53
CA GLU D 196 -15.44 -3.68 16.57
C GLU D 196 -15.61 -5.08 17.20
N ARG D 197 -16.85 -5.38 17.57
CA ARG D 197 -17.31 -6.66 18.09
C ARG D 197 -16.85 -7.83 17.18
N GLN D 198 -17.16 -7.72 15.88
CA GLN D 198 -16.83 -8.75 14.88
C GLN D 198 -15.33 -8.92 14.60
N TRP D 199 -14.58 -7.82 14.68
CA TRP D 199 -13.14 -7.88 14.47
C TRP D 199 -12.43 -8.50 15.66
N ALA D 200 -13.12 -8.52 16.78
CA ALA D 200 -12.56 -8.98 18.04
C ALA D 200 -12.66 -10.49 18.18
N ARG D 201 -13.39 -11.14 17.27
CA ARG D 201 -13.54 -12.60 17.33
C ARG D 201 -12.18 -13.27 17.26
N PRO D 202 -11.98 -14.28 18.11
CA PRO D 202 -10.71 -15.02 18.11
C PRO D 202 -10.33 -15.53 16.72
N SER D 203 -11.30 -16.04 15.97
CA SER D 203 -11.00 -16.57 14.64
C SER D 203 -10.36 -15.49 13.77
N VAL D 204 -10.96 -14.31 13.78
CA VAL D 204 -10.44 -13.18 13.01
C VAL D 204 -9.09 -12.74 13.55
N GLN D 205 -8.90 -12.85 14.85
CA GLN D 205 -7.65 -12.43 15.46
C GLN D 205 -6.49 -13.35 15.11
N GLN D 206 -6.77 -14.64 14.91
CA GLN D 206 -5.73 -15.57 14.49
C GLN D 206 -5.28 -15.20 13.09
N TRP D 207 -6.21 -14.72 12.28
CA TRP D 207 -5.88 -14.27 10.93
C TRP D 207 -4.88 -13.13 11.00
N VAL D 208 -5.15 -12.13 11.83
CA VAL D 208 -4.28 -10.97 11.93
C VAL D 208 -2.90 -11.35 12.47
N LYS D 209 -2.84 -12.40 13.28
CA LYS D 209 -1.57 -12.83 13.84
C LYS D 209 -0.82 -13.62 12.78
N GLN D 210 -1.56 -14.41 12.02
CA GLN D 210 -1.01 -15.16 10.91
C GLN D 210 -0.37 -14.18 9.93
N LYS D 211 -1.04 -13.06 9.71
CA LYS D 211 -0.55 -12.04 8.80
C LYS D 211 0.72 -11.37 9.33
N ARG D 212 0.73 -11.08 10.63
CA ARG D 212 1.91 -10.45 11.24
C ARG D 212 3.16 -11.34 11.16
N ASP D 213 2.98 -12.65 11.31
CA ASP D 213 4.12 -13.58 11.28
C ASP D 213 4.77 -13.67 9.89
N ALA D 214 5.01 -12.51 9.28
CA ALA D 214 5.70 -12.38 8.00
C ALA D 214 6.04 -10.89 7.74
N GLU D 215 6.96 -10.32 8.52
CA GLU D 215 7.71 -11.05 9.54
C GLU D 215 8.14 -10.17 10.74
N LYS E 6 22.20 11.92 26.82
CA LYS E 6 21.64 12.29 28.12
C LYS E 6 20.51 11.35 28.58
N PRO E 7 20.78 10.55 29.64
CA PRO E 7 19.95 9.38 30.00
C PRO E 7 18.50 9.73 30.31
N ILE E 8 17.58 9.14 29.56
CA ILE E 8 16.15 9.35 29.76
C ILE E 8 15.43 8.04 30.09
N THR E 9 14.58 8.06 31.11
CA THR E 9 13.82 6.89 31.48
C THR E 9 12.33 7.24 31.53
N LEU E 10 11.46 6.30 31.16
CA LEU E 10 10.03 6.53 31.20
C LEU E 10 9.33 5.43 31.98
N TYR E 11 8.61 5.83 33.01
CA TYR E 11 7.87 4.90 33.86
C TYR E 11 6.44 4.80 33.36
N VAL E 12 6.02 3.59 33.05
CA VAL E 12 4.68 3.33 32.52
C VAL E 12 3.99 2.22 33.30
N GLY E 13 2.66 2.19 33.29
CA GLY E 13 1.93 1.04 33.78
C GLY E 13 2.35 -0.22 33.03
N ALA E 14 2.33 -1.35 33.73
CA ALA E 14 2.75 -2.62 33.13
C ALA E 14 1.86 -3.06 31.97
N ASP E 15 0.56 -2.75 32.06
CA ASP E 15 -0.43 -3.11 31.05
C ASP E 15 -0.30 -2.36 29.73
N TYR E 16 0.49 -1.28 29.72
CA TYR E 16 0.57 -0.36 28.59
C TYR E 16 -0.82 0.12 28.12
N VAL E 17 -1.74 0.26 29.07
CA VAL E 17 -3.12 0.58 28.77
C VAL E 17 -3.36 2.10 28.81
N SER E 18 -2.46 2.82 29.48
CA SER E 18 -2.69 4.22 29.75
C SER E 18 -2.51 5.09 28.51
N ALA E 19 -3.49 5.95 28.25
CA ALA E 19 -3.39 6.89 27.14
C ALA E 19 -2.40 8.02 27.41
N PHE E 20 -2.10 8.27 28.68
CA PHE E 20 -1.21 9.38 29.03
C PHE E 20 0.25 8.93 29.07
N ALA E 21 0.49 7.69 29.45
CA ALA E 21 1.83 7.16 29.29
C ALA E 21 2.15 7.07 27.80
N MET E 22 1.15 6.75 26.99
CA MET E 22 1.33 6.65 25.55
C MET E 22 1.72 8.01 24.97
N SER E 23 1.04 9.03 25.49
CA SER E 23 1.31 10.42 25.13
C SER E 23 2.77 10.80 25.30
N ALA E 24 3.37 10.36 26.41
CA ALA E 24 4.76 10.73 26.68
C ALA E 24 5.70 9.91 25.83
N PHE E 25 5.36 8.63 25.68
CA PHE E 25 6.09 7.73 24.79
C PHE E 25 6.16 8.34 23.40
N VAL E 26 5.01 8.81 22.91
CA VAL E 26 4.97 9.40 21.57
C VAL E 26 5.87 10.62 21.47
N VAL E 27 5.76 11.54 22.43
CA VAL E 27 6.64 12.72 22.47
C VAL E 27 8.11 12.33 22.34
N LEU E 28 8.56 11.42 23.20
CA LEU E 28 9.92 10.90 23.10
C LEU E 28 10.25 10.31 21.71
N LYS E 29 9.34 9.55 21.11
CA LYS E 29 9.62 8.97 19.78
C LYS E 29 9.64 10.04 18.70
N GLU E 30 8.64 10.92 18.70
CA GLU E 30 8.56 11.99 17.71
C GLU E 30 9.81 12.90 17.65
N LYS E 31 10.48 13.09 18.78
CA LYS E 31 11.67 13.94 18.84
C LYS E 31 12.90 13.13 18.49
N GLY E 32 12.73 11.81 18.47
CA GLY E 32 13.81 10.89 18.16
C GLY E 32 14.78 10.68 19.31
N LEU E 33 14.31 10.81 20.54
CA LEU E 33 15.20 10.64 21.70
C LEU E 33 15.39 9.16 22.05
N ASP E 34 16.60 8.82 22.51
CA ASP E 34 16.87 7.48 23.02
C ASP E 34 16.38 7.37 24.47
N PHE E 35 15.57 6.35 24.77
CA PHE E 35 15.09 6.16 26.15
C PHE E 35 14.85 4.70 26.61
N GLU E 36 15.02 4.48 27.91
CA GLU E 36 14.72 3.20 28.54
C GLU E 36 13.28 3.27 29.04
N ILE E 37 12.64 2.11 29.17
CA ILE E 37 11.27 2.05 29.70
C ILE E 37 11.21 1.11 30.90
N ARG E 38 10.66 1.61 32.01
CA ARG E 38 10.40 0.77 33.18
C ARG E 38 8.90 0.72 33.45
N THR E 39 8.44 -0.41 33.99
CA THR E 39 7.01 -0.59 34.21
C THR E 39 6.63 -0.51 35.67
N VAL E 40 5.38 -0.17 35.92
CA VAL E 40 4.84 -0.10 37.27
C VAL E 40 3.59 -0.97 37.34
N ASP E 41 3.62 -2.01 38.16
CA ASP E 41 2.46 -2.86 38.32
C ASP E 41 1.37 -2.13 39.08
N LEU E 42 0.43 -1.53 38.36
CA LEU E 42 -0.65 -0.77 38.98
C LEU E 42 -1.63 -1.64 39.77
N LYS E 43 -1.09 -2.64 40.46
CA LYS E 43 -1.81 -3.41 41.47
C LYS E 43 -0.84 -3.94 42.52
N SER E 44 -0.41 -3.10 43.47
CA SER E 44 -0.72 -1.66 43.53
C SER E 44 0.60 -0.85 43.62
N LYS E 45 1.58 -1.23 42.81
CA LYS E 45 2.99 -0.86 43.02
C LYS E 45 3.34 0.62 42.94
N GLN E 46 2.36 1.48 42.69
CA GLN E 46 2.63 2.92 42.63
C GLN E 46 2.49 3.62 44.01
N GLN E 47 2.10 2.89 45.06
CA GLN E 47 1.98 3.48 46.40
C GLN E 47 3.03 2.97 47.40
N GLU E 54 8.35 8.29 46.03
CA GLU E 54 9.08 7.47 45.06
C GLU E 54 9.97 8.30 44.14
N VAL E 55 9.71 8.22 42.84
CA VAL E 55 10.33 9.10 41.86
C VAL E 55 9.19 9.99 41.34
N SER E 56 7.96 9.61 41.72
CA SER E 56 6.76 10.34 41.31
C SER E 56 6.03 11.00 42.48
N LEU E 57 5.98 12.33 42.51
CA LEU E 57 5.22 13.07 43.51
C LEU E 57 3.75 12.67 43.46
N THR E 58 3.17 12.75 42.28
CA THR E 58 1.74 12.51 42.09
C THR E 58 1.37 11.05 42.27
N ARG E 59 2.37 10.17 42.17
CA ARG E 59 2.19 8.73 42.27
C ARG E 59 1.26 8.20 41.19
N ARG E 60 1.46 8.67 39.97
CA ARG E 60 0.78 8.12 38.81
C ARG E 60 1.77 7.91 37.68
N VAL E 61 1.35 7.16 36.66
CA VAL E 61 2.12 6.98 35.44
C VAL E 61 1.48 7.87 34.39
N PRO E 62 2.28 8.44 33.49
CA PRO E 62 3.73 8.21 33.41
C PRO E 62 4.59 9.19 34.22
N THR E 63 5.84 8.80 34.41
CA THR E 63 6.84 9.64 35.04
C THR E 63 8.09 9.62 34.19
N LEU E 64 8.67 10.80 33.97
CA LEU E 64 9.91 10.91 33.19
C LEU E 64 11.09 11.15 34.08
N GLN E 65 12.21 10.50 33.77
CA GLN E 65 13.48 10.84 34.41
C GLN E 65 14.50 11.31 33.36
N HIS E 66 14.89 12.57 33.45
CA HIS E 66 15.87 13.16 32.56
C HIS E 66 17.16 13.41 33.31
N ASP E 67 18.06 12.42 33.30
CA ASP E 67 19.27 12.40 34.13
C ASP E 67 18.91 12.28 35.63
N ARG E 68 18.94 13.38 36.36
CA ARG E 68 18.60 13.33 37.79
C ARG E 68 17.16 13.77 38.05
N PHE E 69 16.58 14.45 37.08
CA PHE E 69 15.32 15.17 37.24
C PHE E 69 14.09 14.33 36.94
N THR E 70 13.18 14.24 37.91
CA THR E 70 11.98 13.42 37.73
C THR E 70 10.75 14.30 37.61
N LEU E 71 9.73 13.81 36.90
CA LEU E 71 8.59 14.66 36.56
C LEU E 71 7.41 13.81 36.09
N SER E 72 6.24 14.09 36.67
CA SER E 72 5.01 13.42 36.24
C SER E 72 4.09 14.34 35.43
N GLU E 73 2.88 13.86 35.13
CA GLU E 73 1.94 14.57 34.27
C GLU E 73 2.39 14.63 32.82
N SER E 74 1.68 13.94 31.94
CA SER E 74 2.15 13.77 30.56
C SER E 74 2.26 15.08 29.78
N SER E 75 1.33 16.01 30.02
CA SER E 75 1.42 17.31 29.34
C SER E 75 2.62 18.15 29.86
N ALA E 76 2.93 18.03 31.13
CA ALA E 76 4.11 18.72 31.66
C ALA E 76 5.38 18.13 31.07
N ILE E 77 5.37 16.82 30.84
CA ILE E 77 6.51 16.15 30.22
C ILE E 77 6.75 16.63 28.78
N ALA E 78 5.66 16.92 28.06
CA ALA E 78 5.76 17.37 26.68
C ALA E 78 6.32 18.78 26.64
N GLU E 79 5.75 19.62 27.51
CA GLU E 79 6.18 21.02 27.65
C GLU E 79 7.66 21.09 27.98
N TYR E 80 8.09 20.20 28.86
CA TYR E 80 9.46 20.19 29.34
C TYR E 80 10.42 19.71 28.27
N LEU E 81 10.02 18.65 27.56
CA LEU E 81 10.86 18.10 26.50
C LEU E 81 10.95 19.04 25.30
N ASP E 82 9.87 19.78 25.02
CA ASP E 82 9.88 20.78 23.95
C ASP E 82 10.83 21.95 24.24
N GLU E 83 11.14 22.18 25.52
CA GLU E 83 12.06 23.26 25.89
C GLU E 83 13.52 22.82 25.93
N VAL E 84 13.75 21.61 26.42
CA VAL E 84 15.10 21.07 26.48
C VAL E 84 15.58 20.69 25.08
N TYR E 85 14.67 20.14 24.28
CA TYR E 85 14.99 19.72 22.91
C TYR E 85 14.10 20.45 21.92
N PRO E 86 14.44 21.71 21.61
CA PRO E 86 13.60 22.55 20.74
C PRO E 86 13.94 22.44 19.25
N ALA E 87 13.06 23.03 18.45
CA ALA E 87 13.27 23.22 17.03
C ALA E 87 14.24 24.36 16.90
N PRO E 88 15.06 24.37 15.83
CA PRO E 88 15.01 23.42 14.72
C PRO E 88 15.89 22.18 14.94
N HIS E 89 16.49 22.06 16.12
CA HIS E 89 17.41 20.96 16.40
C HIS E 89 16.65 19.63 16.57
N TYR E 90 15.37 19.75 16.88
CA TYR E 90 14.51 18.59 17.11
C TYR E 90 13.12 18.88 16.58
N ALA E 91 12.32 17.84 16.41
CA ALA E 91 10.93 18.06 16.03
C ALA E 91 10.15 18.62 17.22
N ALA E 92 9.30 19.60 16.96
CA ALA E 92 8.48 20.21 18.00
C ALA E 92 7.19 19.42 18.18
N VAL E 93 6.81 19.18 19.43
CA VAL E 93 5.53 18.51 19.67
C VAL E 93 4.40 19.50 20.00
N LEU E 94 4.73 20.80 20.03
CA LEU E 94 3.72 21.85 20.17
C LEU E 94 3.84 22.82 19.01
N PRO E 95 2.70 23.40 18.57
CA PRO E 95 2.71 24.45 17.53
C PRO E 95 3.62 25.64 17.90
N ALA E 96 4.16 26.29 16.88
CA ALA E 96 5.05 27.43 17.07
C ALA E 96 4.26 28.73 17.23
N ASP E 97 3.23 28.92 16.39
CA ASP E 97 2.35 30.09 16.52
C ASP E 97 1.82 30.21 17.94
N ARG E 98 1.72 31.43 18.42
CA ARG E 98 1.45 31.67 19.83
C ARG E 98 0.08 31.17 20.23
N GLU E 99 -0.96 31.65 19.55
CA GLU E 99 -2.30 31.22 19.91
C GLU E 99 -2.64 29.80 19.48
N THR E 100 -2.01 29.29 18.43
CA THR E 100 -2.23 27.89 18.11
C THR E 100 -1.65 27.04 19.24
N ARG E 101 -0.45 27.38 19.71
CA ARG E 101 0.08 26.71 20.90
C ARG E 101 -0.90 26.76 22.08
N ALA E 102 -1.48 27.93 22.31
CA ALA E 102 -2.48 28.07 23.35
C ALA E 102 -3.60 27.08 23.17
N LEU E 103 -4.10 26.94 21.94
CA LEU E 103 -5.18 26.01 21.67
C LEU E 103 -4.77 24.55 21.87
N ALA E 104 -3.55 24.16 21.50
CA ALA E 104 -3.13 22.79 21.81
C ALA E 104 -3.05 22.57 23.32
N ARG E 105 -2.55 23.57 24.06
CA ARG E 105 -2.53 23.46 25.52
C ARG E 105 -3.94 23.25 26.08
N GLN E 106 -4.91 24.01 25.55
CA GLN E 106 -6.31 23.88 25.97
C GLN E 106 -6.83 22.48 25.70
N LEU E 107 -6.57 22.01 24.49
CA LEU E 107 -7.01 20.68 24.07
C LEU E 107 -6.43 19.59 24.99
N GLN E 108 -5.13 19.66 25.28
CA GLN E 108 -4.50 18.71 26.20
C GLN E 108 -5.13 18.75 27.60
N ALA E 109 -5.31 19.95 28.13
CA ALA E 109 -5.90 20.10 29.46
C ALA E 109 -7.36 19.67 29.47
N TRP E 110 -8.09 19.99 28.40
CA TRP E 110 -9.50 19.65 28.39
C TRP E 110 -9.66 18.13 28.47
N ILE E 111 -8.89 17.43 27.63
CA ILE E 111 -8.95 15.97 27.57
C ILE E 111 -8.61 15.34 28.91
N ARG E 112 -7.66 15.93 29.62
CA ARG E 112 -7.19 15.36 30.88
C ARG E 112 -8.05 15.66 32.11
N SER E 113 -9.06 16.53 31.96
CA SER E 113 -9.89 16.89 33.11
C SER E 113 -11.39 16.98 32.81
N ASP E 114 -11.82 16.52 31.65
CA ASP E 114 -13.25 16.40 31.38
C ASP E 114 -13.56 14.97 30.94
N PHE E 115 -14.78 14.76 30.46
CA PHE E 115 -15.14 13.49 29.83
C PHE E 115 -15.04 12.31 30.79
N MET E 116 -15.14 12.58 32.10
CA MET E 116 -14.97 11.54 33.12
C MET E 116 -16.06 10.45 33.10
N PRO E 117 -17.30 10.80 32.74
CA PRO E 117 -18.26 9.71 32.52
C PRO E 117 -18.05 8.84 31.27
N LEU E 118 -16.87 8.87 30.64
CA LEU E 118 -16.57 7.94 29.53
C LEU E 118 -15.37 7.03 29.80
N GLY E 137 -27.22 8.23 29.67
CA GLY E 137 -26.68 8.51 30.99
C GLY E 137 -26.40 9.98 31.28
N GLU E 138 -27.36 10.84 30.91
CA GLU E 138 -27.31 12.30 31.15
C GLU E 138 -25.94 13.01 31.11
N ALA E 139 -25.12 12.76 32.13
CA ALA E 139 -23.77 13.31 32.15
C ALA E 139 -22.94 12.75 31.00
N ALA E 140 -23.12 11.46 30.72
CA ALA E 140 -22.36 10.83 29.64
C ALA E 140 -22.85 11.35 28.28
N GLN E 141 -24.16 11.42 28.11
CA GLN E 141 -24.73 12.03 26.91
C GLN E 141 -24.12 13.41 26.68
N LEU E 142 -24.07 14.21 27.73
CA LEU E 142 -23.47 15.55 27.65
C LEU E 142 -22.01 15.49 27.21
N ALA E 143 -21.25 14.57 27.78
CA ALA E 143 -19.86 14.44 27.46
C ALA E 143 -19.67 14.02 25.98
N CYS E 144 -20.45 13.02 25.56
CA CYS E 144 -20.52 12.56 24.17
C CYS E 144 -20.79 13.72 23.21
N GLU E 145 -21.82 14.49 23.53
CA GLU E 145 -22.20 15.64 22.71
C GLU E 145 -21.07 16.66 22.57
N LYS E 146 -20.31 16.89 23.66
CA LYS E 146 -19.28 17.92 23.63
C LYS E 146 -18.06 17.43 22.87
N LEU E 147 -17.74 16.16 23.06
CA LEU E 147 -16.61 15.56 22.36
C LEU E 147 -16.90 15.59 20.85
N LEU E 148 -18.04 15.03 20.45
CA LEU E 148 -18.39 14.97 19.05
C LEU E 148 -18.51 16.37 18.49
N SER E 149 -18.99 17.31 19.29
CA SER E 149 -19.15 18.67 18.79
C SER E 149 -17.79 19.31 18.53
N ALA E 150 -16.83 19.01 19.41
CA ALA E 150 -15.47 19.50 19.25
C ALA E 150 -14.81 18.86 18.03
N ALA E 151 -15.00 17.56 17.88
CA ALA E 151 -14.41 16.80 16.79
C ALA E 151 -14.83 17.36 15.43
N ASP E 152 -16.11 17.68 15.30
CA ASP E 152 -16.65 18.18 14.05
C ASP E 152 -16.16 19.59 13.76
N ARG E 153 -15.83 20.33 14.82
CA ARG E 153 -15.45 21.73 14.65
C ARG E 153 -13.95 21.88 14.41
N LEU E 154 -13.17 20.92 14.90
CA LEU E 154 -11.71 20.99 14.89
C LEU E 154 -11.05 20.22 13.74
N ILE E 155 -11.71 19.18 13.25
CA ILE E 155 -11.15 18.28 12.25
C ILE E 155 -11.63 18.61 10.84
N ASP E 156 -10.74 18.50 9.86
CA ASP E 156 -11.11 18.68 8.46
C ASP E 156 -10.23 17.82 7.56
N ASP E 157 -10.79 17.30 6.48
CA ASP E 157 -10.00 16.42 5.61
C ASP E 157 -8.75 17.12 5.05
N GLU E 158 -8.80 18.44 4.96
CA GLU E 158 -7.71 19.19 4.32
C GLU E 158 -6.56 19.47 5.26
N ARG E 159 -6.64 18.96 6.49
CA ARG E 159 -5.60 19.21 7.47
C ARG E 159 -5.17 17.93 8.15
N TYR E 160 -3.86 17.72 8.27
CA TYR E 160 -3.39 16.48 8.88
C TYR E 160 -3.73 16.42 10.37
N GLY E 161 -3.30 17.42 11.14
CA GLY E 161 -3.72 17.51 12.54
C GLY E 161 -4.90 18.46 12.64
N VAL E 162 -5.41 18.65 13.84
CA VAL E 162 -6.48 19.64 14.02
C VAL E 162 -6.03 21.08 13.70
N PHE E 163 -4.73 21.35 13.77
CA PHE E 163 -4.25 22.74 13.55
C PHE E 163 -3.48 22.88 12.24
N GLY E 164 -3.22 21.76 11.59
CA GLY E 164 -2.34 21.74 10.45
C GLY E 164 -1.32 20.63 10.65
N ASP E 165 -0.06 21.02 10.89
CA ASP E 165 0.94 20.04 11.26
C ASP E 165 0.53 19.25 12.49
N TRP E 166 1.00 18.00 12.55
CA TRP E 166 0.80 17.18 13.72
C TRP E 166 1.35 17.90 14.96
N CYS E 167 0.65 17.77 16.08
CA CYS E 167 1.22 18.09 17.38
C CYS E 167 0.69 17.09 18.38
N ILE E 168 1.29 17.03 19.57
CA ILE E 168 0.98 15.97 20.52
C ILE E 168 -0.47 15.97 20.96
N ALA E 169 -1.15 17.10 20.82
CA ALA E 169 -2.57 17.16 21.18
C ALA E 169 -3.40 16.27 20.25
N ASP E 170 -3.01 16.17 18.99
CA ASP E 170 -3.69 15.28 18.03
C ASP E 170 -3.73 13.83 18.49
N THR E 171 -2.58 13.33 18.94
CA THR E 171 -2.50 12.03 19.58
C THR E 171 -3.44 11.89 20.80
N ASP E 172 -3.46 12.91 21.67
CA ASP E 172 -4.34 12.88 22.83
C ASP E 172 -5.79 12.88 22.38
N PHE E 173 -6.10 13.72 21.40
CA PHE E 173 -7.45 13.86 20.90
C PHE E 173 -7.92 12.56 20.24
N ALA E 174 -7.08 12.00 19.39
CA ALA E 174 -7.40 10.77 18.70
C ALA E 174 -7.74 9.64 19.67
N LEU E 175 -7.00 9.55 20.78
CA LEU E 175 -7.28 8.53 21.78
C LEU E 175 -8.66 8.74 22.40
N MET E 176 -8.94 9.98 22.81
CA MET E 176 -10.23 10.32 23.40
C MET E 176 -11.40 10.02 22.45
N LEU E 177 -11.28 10.44 21.20
CA LEU E 177 -12.34 10.23 20.21
C LEU E 177 -12.72 8.76 20.05
N ASN E 178 -11.81 7.85 20.42
CA ASN E 178 -12.15 6.42 20.43
C ASN E 178 -13.35 6.09 21.31
N ARG E 179 -13.72 7.02 22.19
CA ARG E 179 -14.85 6.78 23.07
C ARG E 179 -16.19 7.11 22.42
N LEU E 180 -16.14 7.70 21.23
CA LEU E 180 -17.34 8.02 20.47
C LEU E 180 -18.05 6.72 20.09
N VAL E 181 -17.27 5.66 19.96
CA VAL E 181 -17.79 4.35 19.61
C VAL E 181 -18.83 3.90 20.63
N ALA E 182 -18.77 4.47 21.84
CA ALA E 182 -19.71 4.10 22.90
C ALA E 182 -20.87 5.08 23.02
N CYS E 183 -20.84 6.13 22.20
CA CYS E 183 -21.88 7.16 22.24
C CYS E 183 -23.13 6.77 21.44
N GLY E 184 -23.91 7.76 21.03
CA GLY E 184 -25.20 7.48 20.42
C GLY E 184 -25.53 8.34 19.21
N ASP E 185 -24.70 9.34 18.93
CA ASP E 185 -24.92 10.21 17.79
C ASP E 185 -23.97 9.89 16.63
N PRO E 186 -24.48 9.95 15.39
CA PRO E 186 -23.69 9.49 14.25
C PRO E 186 -22.39 10.28 14.13
N VAL E 187 -21.31 9.56 13.86
CA VAL E 187 -19.99 10.15 13.74
C VAL E 187 -19.67 10.44 12.28
N PRO E 188 -19.34 11.71 11.97
CA PRO E 188 -18.84 12.15 10.66
C PRO E 188 -17.56 11.42 10.24
N PRO E 189 -17.55 10.86 9.03
CA PRO E 189 -16.39 10.04 8.64
C PRO E 189 -15.05 10.81 8.62
N LYS E 190 -15.07 12.13 8.53
CA LYS E 190 -13.81 12.87 8.65
C LYS E 190 -13.13 12.63 10.01
N VAL E 191 -13.94 12.39 11.05
CA VAL E 191 -13.44 12.08 12.37
C VAL E 191 -12.82 10.67 12.40
N LEU E 192 -13.51 9.70 11.80
CA LEU E 192 -12.99 8.34 11.66
C LEU E 192 -11.67 8.33 10.90
N ARG E 193 -11.61 9.14 9.84
CA ARG E 193 -10.41 9.30 9.03
C ARG E 193 -9.31 9.92 9.86
N TYR E 194 -9.67 10.92 10.67
CA TYR E 194 -8.72 11.56 11.54
C TYR E 194 -8.12 10.54 12.51
N VAL E 195 -8.98 9.76 13.16
CA VAL E 195 -8.49 8.80 14.16
C VAL E 195 -7.60 7.73 13.53
N GLU E 196 -7.97 7.26 12.34
CA GLU E 196 -7.17 6.29 11.60
C GLU E 196 -5.78 6.87 11.36
N ARG E 197 -5.76 8.07 10.81
CA ARG E 197 -4.56 8.82 10.45
C ARG E 197 -3.61 8.96 11.66
N GLN E 198 -4.15 9.40 12.79
CA GLN E 198 -3.35 9.62 14.00
C GLN E 198 -2.85 8.33 14.64
N TRP E 199 -3.63 7.27 14.55
CA TRP E 199 -3.19 5.97 15.06
C TRP E 199 -2.09 5.33 14.21
N ALA E 200 -1.97 5.79 12.97
CA ALA E 200 -1.06 5.19 12.00
C ALA E 200 0.34 5.83 11.95
N ARG E 201 0.67 6.71 12.89
CA ARG E 201 2.01 7.28 12.92
C ARG E 201 2.96 6.22 13.44
N PRO E 202 4.21 6.19 12.94
CA PRO E 202 5.13 5.19 13.49
C PRO E 202 5.35 5.28 15.01
N SER E 203 5.17 6.46 15.61
CA SER E 203 5.38 6.62 17.08
C SER E 203 4.33 5.87 17.87
N VAL E 204 3.08 6.09 17.49
CA VAL E 204 1.94 5.39 18.06
C VAL E 204 2.09 3.88 17.85
N GLN E 205 2.43 3.50 16.62
CA GLN E 205 2.62 2.10 16.27
C GLN E 205 3.71 1.41 17.10
N GLN E 206 4.75 2.14 17.45
CA GLN E 206 5.80 1.54 18.24
C GLN E 206 5.35 1.31 19.69
N TRP E 207 4.42 2.15 20.16
CA TRP E 207 3.76 1.92 21.44
C TRP E 207 2.94 0.65 21.38
N VAL E 208 2.06 0.58 20.38
CA VAL E 208 1.23 -0.58 20.08
C VAL E 208 2.06 -1.86 20.09
N LYS E 209 3.26 -1.76 19.53
CA LYS E 209 4.14 -2.92 19.33
C LYS E 209 4.71 -3.44 20.65
N GLN E 210 5.19 -2.52 21.48
CA GLN E 210 5.75 -2.86 22.79
C GLN E 210 4.69 -3.49 23.68
N LYS E 211 3.49 -2.92 23.64
CA LYS E 211 2.33 -3.41 24.36
C LYS E 211 2.13 -4.89 24.05
N ARG E 212 2.05 -5.19 22.76
CA ARG E 212 1.84 -6.56 22.28
C ARG E 212 2.94 -7.51 22.73
N ASP E 213 4.20 -7.12 22.54
CA ASP E 213 5.33 -7.90 23.03
C ASP E 213 5.39 -7.92 24.58
N ALA E 214 4.25 -8.10 25.22
CA ALA E 214 4.16 -8.05 26.69
C ALA E 214 2.84 -8.64 27.20
#